data_7CSB
#
_entry.id   7CSB
#
_cell.length_a   74.156
_cell.length_b   144.716
_cell.length_c   77.021
_cell.angle_alpha   90.000
_cell.angle_beta   116.288
_cell.angle_gamma   90.000
#
_symmetry.space_group_name_H-M   'P 1 21 1'
#
loop_
_entity.id
_entity.type
_entity.pdbx_description
1 polymer 'Pinoresinol reductase 1'
2 non-polymer 4-[(3S,3aR,6S,6aR)-6-(3-methoxy-4-oxidanyl-phenyl)-1,3,3a,4,6,6a-hexahydrofuro[3,4-c]furan-3-yl]-2-methoxy-phenol
3 non-polymer 'NADPH DIHYDRO-NICOTINAMIDE-ADENINE-DINUCLEOTIDE PHOSPHATE'
4 water water
#
_entity_poly.entity_id   1
_entity_poly.type   'polypeptide(L)'
_entity_poly.pdbx_seq_one_letter_code
;MGESKRTEKTRVLVVGATGYIGKRIVRACLAEGHETYVLQRPEIGLEIEKVQLFLSFKKLGARIVEGSFSDHQSLVSAVK
LVDVVVSAMSGVHFRSHNILVQLKLVEAIKEAGNVKRFLPSEFGMDPPRMGHALPPGRETFDQKMEVRQAIEAAGIPYTY
VVGACFAAYFAGNLSQMVTLLPPKEKVNIYGDGNVKVVFADEDDIAKYTAKTLNDPRTLNKTVNIRPPDNVLTQLELVQI
WEKLTGKELEKTNIAAQDFLANIEQMEIPHQAGIGHFYHIFYEGCLTDHEVGEDEEASSLYPDVKYKRMDDYLRMFL
;
_entity_poly.pdbx_strand_id   C,D,A,B
#
# COMPACT_ATOMS: atom_id res chain seq x y z
N LYS A 9 13.76 3.40 -45.70
CA LYS A 9 12.81 3.04 -44.64
C LYS A 9 13.27 3.58 -43.27
N THR A 10 12.39 4.33 -42.61
CA THR A 10 12.73 4.93 -41.32
C THR A 10 12.65 3.89 -40.21
N ARG A 11 13.70 3.79 -39.40
CA ARG A 11 13.75 2.91 -38.25
C ARG A 11 13.38 3.69 -37.00
N VAL A 12 12.40 3.19 -36.25
CA VAL A 12 11.83 3.93 -35.13
C VAL A 12 11.87 3.05 -33.90
N LEU A 13 12.41 3.57 -32.81
CA LEU A 13 12.31 2.89 -31.53
C LEU A 13 11.23 3.57 -30.71
N VAL A 14 10.25 2.80 -30.27
CA VAL A 14 9.23 3.30 -29.34
C VAL A 14 9.62 2.83 -27.95
N VAL A 15 9.80 3.78 -27.05
CA VAL A 15 10.14 3.53 -25.66
C VAL A 15 8.92 3.87 -24.81
N GLY A 16 8.31 2.85 -24.21
CA GLY A 16 7.01 2.99 -23.55
C GLY A 16 5.93 2.34 -24.39
N ALA A 17 6.31 1.27 -25.06
CA ALA A 17 5.49 0.69 -26.12
C ALA A 17 4.17 0.10 -25.61
N THR A 18 4.06 -0.23 -24.32
CA THR A 18 2.80 -0.76 -23.81
C THR A 18 1.99 0.31 -23.10
N GLY A 19 2.40 1.57 -23.19
CA GLY A 19 1.69 2.65 -22.53
C GLY A 19 0.39 2.94 -23.24
N TYR A 20 -0.39 3.84 -22.63
CA TYR A 20 -1.69 4.15 -23.20
C TYR A 20 -1.57 4.77 -24.60
N ILE A 21 -0.85 5.90 -24.71
CA ILE A 21 -0.57 6.44 -26.04
C ILE A 21 0.57 5.66 -26.72
N GLY A 22 1.53 5.12 -25.95
CA GLY A 22 2.63 4.37 -26.56
C GLY A 22 2.17 3.20 -27.41
N LYS A 23 1.19 2.43 -26.93
CA LYS A 23 0.77 1.29 -27.75
C LYS A 23 0.09 1.76 -29.03
N ARG A 24 -0.67 2.85 -28.97
CA ARG A 24 -1.28 3.36 -30.20
C ARG A 24 -0.22 3.90 -31.17
N ILE A 25 0.86 4.46 -30.63
CA ILE A 25 1.97 4.94 -31.46
C ILE A 25 2.68 3.77 -32.14
N VAL A 26 2.88 2.68 -31.41
CA VAL A 26 3.52 1.51 -32.03
C VAL A 26 2.74 1.08 -33.26
N ARG A 27 1.42 0.90 -33.10
CA ARG A 27 0.64 0.40 -34.22
C ARG A 27 0.61 1.41 -35.37
N ALA A 28 0.56 2.69 -35.04
CA ALA A 28 0.57 3.71 -36.09
C ALA A 28 1.90 3.72 -36.83
N CYS A 29 3.01 3.44 -36.15
CA CYS A 29 4.28 3.39 -36.86
C CYS A 29 4.31 2.23 -37.83
N LEU A 30 3.77 1.08 -37.41
CA LEU A 30 3.70 -0.09 -38.29
C LEU A 30 2.81 0.16 -39.49
N ALA A 31 1.65 0.80 -39.28
CA ALA A 31 0.77 1.02 -40.42
C ALA A 31 1.32 2.09 -41.35
N GLU A 32 2.12 3.02 -40.81
CA GLU A 32 2.73 4.03 -41.65
C GLU A 32 3.85 3.45 -42.51
N GLY A 33 4.31 2.24 -42.22
CA GLY A 33 5.40 1.63 -42.95
C GLY A 33 6.78 1.73 -42.33
N HIS A 34 6.90 2.30 -41.14
CA HIS A 34 8.21 2.36 -40.50
C HIS A 34 8.65 0.98 -40.03
N GLU A 35 9.97 0.77 -40.04
CA GLU A 35 10.55 -0.43 -39.44
C GLU A 35 10.56 -0.18 -37.95
N THR A 36 9.58 -0.75 -37.24
CA THR A 36 9.27 -0.34 -35.88
C THR A 36 9.89 -1.30 -34.87
N TYR A 37 10.74 -0.74 -34.01
CA TYR A 37 11.33 -1.42 -32.86
C TYR A 37 10.61 -0.98 -31.59
N VAL A 38 10.46 -1.90 -30.63
CA VAL A 38 9.84 -1.60 -29.34
C VAL A 38 10.78 -2.04 -28.23
N LEU A 39 10.92 -1.20 -27.21
CA LEU A 39 11.79 -1.55 -26.08
C LEU A 39 11.00 -2.43 -25.11
N GLN A 40 11.55 -3.60 -24.80
CA GLN A 40 10.97 -4.49 -23.79
C GLN A 40 11.92 -4.55 -22.61
N ARG A 41 11.51 -3.95 -21.43
CA ARG A 41 12.28 -3.96 -20.19
C ARG A 41 12.07 -5.27 -19.46
N PRO A 42 13.10 -5.84 -18.78
CA PRO A 42 12.92 -7.25 -18.34
C PRO A 42 12.22 -7.41 -16.98
N GLU A 43 11.87 -6.30 -16.35
CA GLU A 43 11.15 -6.29 -15.09
C GLU A 43 9.69 -6.69 -15.22
N ILE A 44 9.15 -6.69 -16.44
CA ILE A 44 7.75 -7.07 -16.63
C ILE A 44 7.69 -8.57 -16.42
N GLY A 45 7.46 -8.97 -15.17
CA GLY A 45 7.49 -10.36 -14.78
C GLY A 45 6.16 -11.02 -15.06
N LEU A 46 5.26 -11.01 -14.06
CA LEU A 46 3.92 -11.56 -14.23
C LEU A 46 2.91 -10.53 -14.73
N GLU A 47 3.38 -9.42 -15.31
CA GLU A 47 2.47 -8.45 -15.92
C GLU A 47 2.03 -9.00 -17.27
N ILE A 48 1.07 -9.93 -17.23
CA ILE A 48 0.72 -10.69 -18.42
C ILE A 48 0.17 -9.81 -19.53
N GLU A 49 -0.51 -8.71 -19.19
CA GLU A 49 -1.06 -7.83 -20.24
C GLU A 49 0.07 -7.20 -21.07
N LYS A 50 1.14 -6.74 -20.40
CA LYS A 50 2.29 -6.19 -21.11
C LYS A 50 2.95 -7.24 -21.99
N VAL A 51 3.13 -8.46 -21.46
CA VAL A 51 3.78 -9.52 -22.23
C VAL A 51 2.98 -9.82 -23.49
N GLN A 52 1.65 -9.93 -23.37
CA GLN A 52 0.88 -10.23 -24.57
C GLN A 52 0.76 -9.03 -25.50
N LEU A 53 0.89 -7.81 -24.99
CA LEU A 53 0.98 -6.67 -25.90
C LEU A 53 2.22 -6.77 -26.78
N PHE A 54 3.36 -7.10 -26.18
CA PHE A 54 4.58 -7.25 -26.99
C PHE A 54 4.42 -8.37 -28.01
N LEU A 55 3.79 -9.48 -27.61
CA LEU A 55 3.58 -10.57 -28.56
C LEU A 55 2.65 -10.14 -29.69
N SER A 56 1.66 -9.29 -29.40
CA SER A 56 0.82 -8.80 -30.48
C SER A 56 1.57 -7.82 -31.39
N PHE A 57 2.49 -7.03 -30.84
CA PHE A 57 3.36 -6.18 -31.67
C PHE A 57 4.24 -7.03 -32.59
N LYS A 58 4.85 -8.08 -32.04
CA LYS A 58 5.62 -9.02 -32.88
C LYS A 58 4.78 -9.51 -34.06
N LYS A 59 3.58 -10.02 -33.77
CA LYS A 59 2.75 -10.55 -34.85
C LYS A 59 2.46 -9.52 -35.93
N LEU A 60 2.54 -8.21 -35.60
CA LEU A 60 2.33 -7.16 -36.59
C LEU A 60 3.60 -6.78 -37.34
N GLY A 61 4.75 -7.38 -37.01
CA GLY A 61 6.01 -7.03 -37.64
C GLY A 61 6.93 -6.14 -36.83
N ALA A 62 6.52 -5.72 -35.63
CA ALA A 62 7.48 -5.03 -34.79
C ALA A 62 8.62 -5.98 -34.42
N ARG A 63 9.72 -5.40 -33.99
CA ARG A 63 10.87 -6.13 -33.48
C ARG A 63 11.18 -5.70 -32.07
N ILE A 64 11.32 -6.68 -31.20
CA ILE A 64 11.55 -6.46 -29.78
C ILE A 64 13.03 -6.14 -29.57
N VAL A 65 13.30 -5.10 -28.79
CA VAL A 65 14.66 -4.81 -28.36
C VAL A 65 14.67 -4.82 -26.84
N GLU A 66 15.48 -5.71 -26.27
CA GLU A 66 15.58 -5.80 -24.82
C GLU A 66 16.56 -4.77 -24.28
N GLY A 67 16.13 -4.03 -23.26
CA GLY A 67 16.97 -3.04 -22.62
C GLY A 67 16.30 -2.55 -21.36
N SER A 68 17.10 -1.90 -20.52
CA SER A 68 16.61 -1.44 -19.21
C SER A 68 17.12 -0.03 -18.93
N PHE A 69 16.28 0.75 -18.24
CA PHE A 69 16.67 2.12 -17.91
C PHE A 69 17.75 2.17 -16.84
N SER A 70 17.98 1.09 -16.11
CA SER A 70 19.10 1.05 -15.17
C SER A 70 20.36 0.44 -15.80
N ASP A 71 20.34 0.13 -17.09
CA ASP A 71 21.50 -0.39 -17.80
C ASP A 71 21.84 0.58 -18.95
N HIS A 72 22.62 1.60 -18.63
CA HIS A 72 22.86 2.67 -19.60
C HIS A 72 23.36 2.12 -20.94
N GLN A 73 24.17 1.06 -20.89
CA GLN A 73 24.72 0.54 -22.14
C GLN A 73 23.68 -0.20 -22.97
N SER A 74 22.65 -0.77 -22.32
CA SER A 74 21.60 -1.41 -23.10
C SER A 74 20.73 -0.39 -23.84
N LEU A 75 20.54 0.80 -23.25
CA LEU A 75 19.83 1.86 -23.94
C LEU A 75 20.62 2.34 -25.15
N VAL A 76 21.90 2.65 -24.94
CA VAL A 76 22.79 3.01 -26.04
C VAL A 76 22.70 1.98 -27.17
N SER A 77 22.77 0.69 -26.83
CA SER A 77 22.67 -0.33 -27.85
C SER A 77 21.34 -0.25 -28.59
N ALA A 78 20.25 -0.06 -27.85
CA ALA A 78 18.94 -0.04 -28.51
C ALA A 78 18.82 1.15 -29.46
N VAL A 79 19.17 2.35 -29.00
CA VAL A 79 18.95 3.51 -29.87
C VAL A 79 19.89 3.49 -31.07
N LYS A 80 21.00 2.75 -31.01
CA LYS A 80 21.89 2.68 -32.17
C LYS A 80 21.26 1.92 -33.32
N LEU A 81 20.18 1.17 -33.06
CA LEU A 81 19.52 0.40 -34.11
C LEU A 81 18.64 1.24 -35.01
N VAL A 82 18.29 2.47 -34.62
CA VAL A 82 17.18 3.19 -35.25
C VAL A 82 17.59 4.58 -35.68
N ASP A 83 16.76 5.18 -36.54
CA ASP A 83 16.94 6.57 -36.92
C ASP A 83 16.22 7.55 -36.00
N VAL A 84 15.08 7.16 -35.45
CA VAL A 84 14.19 8.03 -34.68
C VAL A 84 13.77 7.30 -33.42
N VAL A 85 13.71 8.02 -32.30
CA VAL A 85 13.25 7.46 -31.04
C VAL A 85 12.01 8.23 -30.63
N VAL A 86 10.95 7.51 -30.25
CA VAL A 86 9.73 8.12 -29.75
C VAL A 86 9.51 7.63 -28.33
N SER A 87 9.40 8.56 -27.39
CA SER A 87 9.22 8.22 -25.99
C SER A 87 7.77 8.48 -25.57
N ALA A 88 7.16 7.49 -24.96
CA ALA A 88 5.79 7.61 -24.47
C ALA A 88 5.74 7.47 -22.95
N MET A 89 6.80 7.89 -22.27
CA MET A 89 6.93 7.75 -20.82
C MET A 89 5.72 8.30 -20.08
N SER A 90 5.43 7.70 -18.92
CA SER A 90 4.27 8.07 -18.11
C SER A 90 4.37 9.51 -17.63
N GLY A 91 3.23 10.18 -17.57
CA GLY A 91 3.17 11.54 -17.08
C GLY A 91 1.85 11.97 -16.46
N VAL A 92 1.16 11.03 -15.82
CA VAL A 92 -0.14 11.26 -15.20
C VAL A 92 -0.06 10.87 -13.72
N HIS A 93 -0.37 11.82 -12.84
CA HIS A 93 -0.16 11.61 -11.41
C HIS A 93 -0.96 10.42 -10.89
N PHE A 94 -2.18 10.21 -11.38
CA PHE A 94 -2.93 9.10 -10.81
C PHE A 94 -2.56 7.77 -11.46
N ARG A 95 -1.71 7.79 -12.50
CA ARG A 95 -1.20 6.60 -13.17
C ARG A 95 0.25 6.31 -12.83
N SER A 96 1.17 7.17 -13.27
CA SER A 96 2.53 7.25 -12.74
C SER A 96 3.15 8.43 -13.48
N HIS A 97 4.15 9.09 -12.89
CA HIS A 97 4.61 10.38 -13.40
C HIS A 97 6.14 10.38 -13.49
N ASN A 98 6.69 9.55 -14.39
CA ASN A 98 8.12 9.25 -14.40
C ASN A 98 8.82 9.91 -15.57
N ILE A 99 8.40 11.15 -15.88
CA ILE A 99 8.94 11.92 -17.00
C ILE A 99 10.46 11.96 -16.95
N LEU A 100 11.02 12.34 -15.79
CA LEU A 100 12.47 12.55 -15.65
C LEU A 100 13.30 11.31 -15.91
N VAL A 101 12.71 10.12 -15.88
CA VAL A 101 13.44 8.90 -16.21
C VAL A 101 13.99 8.95 -17.64
N GLN A 102 13.35 9.75 -18.51
CA GLN A 102 13.85 9.91 -19.88
C GLN A 102 15.25 10.50 -19.95
N LEU A 103 15.71 11.17 -18.89
CA LEU A 103 17.05 11.75 -18.93
C LEU A 103 18.10 10.69 -19.23
N LYS A 104 17.93 9.48 -18.70
CA LYS A 104 18.83 8.38 -19.01
C LYS A 104 18.77 8.00 -20.48
N LEU A 105 17.58 8.08 -21.09
CA LEU A 105 17.43 7.84 -22.53
C LEU A 105 18.09 8.94 -23.34
N VAL A 106 17.89 10.20 -22.93
CA VAL A 106 18.57 11.31 -23.60
C VAL A 106 20.08 11.09 -23.54
N GLU A 107 20.61 10.82 -22.34
CA GLU A 107 22.03 10.54 -22.22
C GLU A 107 22.45 9.42 -23.16
N ALA A 108 21.65 8.35 -23.24
CA ALA A 108 22.00 7.24 -24.12
C ALA A 108 21.98 7.66 -25.59
N ILE A 109 21.00 8.46 -25.97
CA ILE A 109 20.99 9.04 -27.31
C ILE A 109 22.20 9.94 -27.52
N LYS A 110 22.56 10.73 -26.51
CA LYS A 110 23.74 11.59 -26.64
C LYS A 110 24.97 10.78 -26.99
N GLU A 111 25.14 9.64 -26.32
CA GLU A 111 26.32 8.81 -26.53
C GLU A 111 26.27 8.12 -27.88
N ALA A 112 25.08 7.63 -28.28
CA ALA A 112 25.01 6.84 -29.50
C ALA A 112 25.32 7.68 -30.73
N GLY A 113 24.86 8.94 -30.75
CA GLY A 113 25.17 9.90 -31.80
C GLY A 113 24.53 9.66 -33.16
N ASN A 114 23.90 8.51 -33.39
CA ASN A 114 23.28 8.18 -34.68
C ASN A 114 21.84 8.65 -34.81
N VAL A 115 21.25 9.21 -33.76
CA VAL A 115 19.80 9.41 -33.75
C VAL A 115 19.48 10.71 -34.48
N LYS A 116 18.68 10.60 -35.54
CA LYS A 116 18.30 11.74 -36.37
C LYS A 116 17.16 12.57 -35.78
N ARG A 117 16.37 12.00 -34.87
CA ARG A 117 15.31 12.78 -34.23
C ARG A 117 14.81 12.03 -33.01
N PHE A 118 14.43 12.80 -31.99
CA PHE A 118 13.86 12.27 -30.75
C PHE A 118 12.57 13.02 -30.45
N LEU A 119 11.46 12.29 -30.28
CA LEU A 119 10.20 12.83 -29.81
C LEU A 119 10.03 12.42 -28.36
N PRO A 120 10.23 13.33 -27.40
CA PRO A 120 9.99 12.98 -25.99
C PRO A 120 8.49 12.90 -25.69
N SER A 121 8.19 12.48 -24.47
CA SER A 121 6.81 12.24 -24.05
C SER A 121 6.17 13.57 -23.69
N GLU A 122 5.49 14.18 -24.67
CA GLU A 122 4.88 15.50 -24.50
C GLU A 122 3.36 15.40 -24.57
N PHE A 123 2.79 15.36 -25.76
CA PHE A 123 1.44 14.89 -26.07
C PHE A 123 0.32 15.58 -25.31
N GLY A 124 0.56 16.75 -24.76
CA GLY A 124 -0.45 17.44 -23.96
C GLY A 124 -0.32 18.93 -24.03
N MET A 125 -0.54 19.58 -22.89
CA MET A 125 -0.33 21.01 -22.81
C MET A 125 1.12 21.36 -23.19
N ASP A 126 1.31 22.56 -23.71
CA ASP A 126 2.61 23.02 -24.20
C ASP A 126 3.47 23.50 -23.02
N PRO A 127 4.51 22.75 -22.63
CA PRO A 127 5.16 22.99 -21.30
C PRO A 127 5.69 24.41 -21.13
N PRO A 128 6.39 24.96 -22.12
CA PRO A 128 6.96 26.31 -21.91
C PRO A 128 5.92 27.38 -21.75
N ARG A 129 4.66 27.11 -22.12
CA ARG A 129 3.58 28.07 -21.97
C ARG A 129 2.89 28.01 -20.61
N MET A 130 3.31 27.10 -19.71
CA MET A 130 2.61 26.82 -18.48
C MET A 130 3.38 27.29 -17.23
N GLY A 131 4.27 28.27 -17.39
CA GLY A 131 5.07 28.71 -16.26
C GLY A 131 4.29 29.23 -15.08
N HIS A 132 3.00 29.51 -15.24
CA HIS A 132 2.17 30.04 -14.17
C HIS A 132 1.50 28.96 -13.34
N ALA A 133 1.46 27.73 -13.85
CA ALA A 133 0.76 26.65 -13.14
C ALA A 133 1.34 26.47 -11.74
N LEU A 134 0.47 26.15 -10.83
CA LEU A 134 0.88 25.91 -9.45
C LEU A 134 1.06 24.43 -9.17
N PRO A 135 1.89 24.08 -8.18
CA PRO A 135 2.09 22.68 -7.78
C PRO A 135 0.78 22.06 -7.32
N PRO A 136 0.64 20.73 -7.38
CA PRO A 136 1.59 19.75 -7.93
C PRO A 136 1.43 19.56 -9.44
N GLY A 137 0.31 20.01 -10.01
CA GLY A 137 0.19 19.96 -11.45
C GLY A 137 1.40 20.52 -12.15
N ARG A 138 2.06 21.49 -11.52
CA ARG A 138 3.19 22.15 -12.15
C ARG A 138 4.31 21.18 -12.48
N GLU A 139 4.43 20.11 -11.68
CA GLU A 139 5.51 19.12 -11.90
C GLU A 139 5.53 18.63 -13.34
N THR A 140 4.36 18.39 -13.92
CA THR A 140 4.34 17.88 -15.29
C THR A 140 5.08 18.83 -16.23
N PHE A 141 4.82 20.12 -16.11
CA PHE A 141 5.44 21.06 -17.03
C PHE A 141 6.91 21.29 -16.70
N ASP A 142 7.24 21.36 -15.40
CA ASP A 142 8.62 21.52 -15.00
C ASP A 142 9.49 20.37 -15.48
N GLN A 143 8.98 19.13 -15.36
CA GLN A 143 9.78 17.97 -15.72
C GLN A 143 9.90 17.78 -17.23
N LYS A 144 8.85 18.11 -17.98
CA LYS A 144 8.98 18.06 -19.43
C LYS A 144 9.90 19.15 -19.94
N MET A 145 9.89 20.33 -19.32
CA MET A 145 10.84 21.36 -19.70
C MET A 145 12.27 20.90 -19.43
N GLU A 146 12.49 20.22 -18.31
CA GLU A 146 13.83 19.76 -17.99
C GLU A 146 14.32 18.72 -18.99
N VAL A 147 13.43 17.85 -19.45
CA VAL A 147 13.79 16.94 -20.55
C VAL A 147 14.09 17.72 -21.81
N ARG A 148 13.26 18.71 -22.12
CA ARG A 148 13.58 19.60 -23.22
C ARG A 148 14.94 20.26 -23.03
N GLN A 149 15.23 20.71 -21.81
CA GLN A 149 16.53 21.32 -21.54
C GLN A 149 17.68 20.36 -21.87
N ALA A 150 17.55 19.08 -21.51
CA ALA A 150 18.61 18.12 -21.76
C ALA A 150 18.73 17.80 -23.25
N ILE A 151 17.59 17.65 -23.93
CA ILE A 151 17.64 17.39 -25.36
C ILE A 151 18.43 18.48 -26.07
N GLU A 152 18.09 19.74 -25.82
CA GLU A 152 18.70 20.82 -26.58
C GLU A 152 20.14 21.08 -26.13
N ALA A 153 20.46 20.84 -24.86
CA ALA A 153 21.85 20.85 -24.44
C ALA A 153 22.66 19.82 -25.20
N ALA A 154 22.11 18.61 -25.36
CA ALA A 154 22.83 17.55 -26.05
C ALA A 154 22.90 17.77 -27.55
N GLY A 155 22.19 18.76 -28.08
CA GLY A 155 22.17 18.95 -29.51
C GLY A 155 21.44 17.87 -30.26
N ILE A 156 20.42 17.28 -29.65
CA ILE A 156 19.66 16.20 -30.26
C ILE A 156 18.51 16.83 -31.05
N PRO A 157 18.36 16.50 -32.34
CA PRO A 157 17.22 17.04 -33.10
C PRO A 157 15.93 16.43 -32.57
N TYR A 158 14.85 17.22 -32.61
CA TYR A 158 13.65 16.89 -31.85
C TYR A 158 12.37 17.33 -32.57
N THR A 159 11.25 16.74 -32.13
CA THR A 159 9.92 17.26 -32.41
C THR A 159 9.06 17.13 -31.16
N TYR A 160 8.37 18.22 -30.81
CA TYR A 160 7.49 18.26 -29.64
C TYR A 160 6.04 18.20 -30.14
N VAL A 161 5.36 17.13 -29.79
CA VAL A 161 3.96 16.93 -30.19
C VAL A 161 3.08 17.38 -29.02
N VAL A 162 2.28 18.42 -29.23
CA VAL A 162 1.53 19.06 -28.17
C VAL A 162 0.17 19.51 -28.68
N GLY A 163 -0.74 19.77 -27.74
CA GLY A 163 -1.83 20.70 -27.98
C GLY A 163 -3.23 20.15 -27.86
N ALA A 164 -3.47 18.85 -27.62
CA ALA A 164 -4.84 18.34 -27.64
C ALA A 164 -5.12 17.50 -26.38
N CYS A 165 -6.35 17.59 -25.88
CA CYS A 165 -6.86 16.69 -24.86
C CYS A 165 -7.13 15.33 -25.48
N PHE A 166 -6.60 14.27 -24.86
CA PHE A 166 -7.01 12.91 -25.22
C PHE A 166 -8.53 12.80 -25.08
N ALA A 167 -9.18 12.31 -26.14
CA ALA A 167 -10.65 12.29 -26.14
C ALA A 167 -11.22 11.39 -25.05
N ALA A 168 -10.52 10.31 -24.69
CA ALA A 168 -11.02 9.41 -23.65
C ALA A 168 -11.10 10.12 -22.30
N TYR A 169 -10.14 10.99 -22.00
CA TYR A 169 -10.12 11.64 -20.71
C TYR A 169 -10.96 12.90 -20.65
N PHE A 170 -11.42 13.43 -21.78
CA PHE A 170 -12.06 14.73 -21.73
C PHE A 170 -13.33 14.84 -22.55
N ALA A 171 -13.54 14.00 -23.55
CA ALA A 171 -14.72 14.06 -24.38
C ALA A 171 -15.72 12.97 -24.06
N GLY A 172 -15.28 11.71 -23.95
CA GLY A 172 -16.21 10.64 -23.66
C GLY A 172 -16.95 10.79 -22.33
N ASN A 173 -16.43 11.59 -21.41
CA ASN A 173 -17.05 11.80 -20.11
C ASN A 173 -17.72 13.17 -20.01
N LEU A 174 -17.93 13.86 -21.14
CA LEU A 174 -18.35 15.28 -21.12
C LEU A 174 -17.49 16.10 -20.15
N SER A 175 -16.20 15.75 -20.06
CA SER A 175 -15.22 16.43 -19.19
C SER A 175 -15.58 16.37 -17.70
N GLN A 176 -16.40 15.41 -17.28
CA GLN A 176 -16.60 15.16 -15.84
C GLN A 176 -15.39 14.46 -15.24
N MET A 177 -14.89 14.94 -14.09
CA MET A 177 -13.75 14.29 -13.45
C MET A 177 -14.14 12.97 -12.76
N VAL A 178 -13.15 12.08 -12.63
CA VAL A 178 -13.19 10.76 -11.98
C VAL A 178 -14.16 9.81 -12.68
N THR A 179 -14.45 10.08 -13.95
CA THR A 179 -15.30 9.18 -14.71
C THR A 179 -14.85 9.24 -16.16
N LEU A 180 -15.19 8.20 -16.91
CA LEU A 180 -14.78 8.07 -18.30
C LEU A 180 -15.98 7.80 -19.21
N LEU A 181 -17.20 7.92 -18.68
CA LEU A 181 -18.43 7.71 -19.42
C LEU A 181 -19.31 8.96 -19.34
N PRO A 182 -20.20 9.15 -20.30
CA PRO A 182 -21.16 10.27 -20.20
C PRO A 182 -22.06 10.09 -18.99
N PRO A 183 -22.42 11.19 -18.32
CA PRO A 183 -23.33 11.09 -17.17
C PRO A 183 -24.78 10.90 -17.63
N LYS A 184 -25.63 10.43 -16.70
CA LYS A 184 -26.97 10.01 -17.11
C LYS A 184 -27.97 11.18 -17.15
N GLU A 185 -27.86 12.12 -16.24
CA GLU A 185 -28.87 13.17 -16.10
C GLU A 185 -28.31 14.54 -15.75
N LYS A 186 -27.20 14.61 -15.02
CA LYS A 186 -26.61 15.83 -14.51
C LYS A 186 -25.21 15.96 -15.07
N VAL A 187 -24.79 17.19 -15.34
CA VAL A 187 -23.43 17.48 -15.79
C VAL A 187 -23.00 18.81 -15.20
N ASN A 188 -21.76 18.84 -14.72
CA ASN A 188 -21.11 20.05 -14.25
C ASN A 188 -20.47 20.77 -15.42
N ILE A 189 -20.81 22.05 -15.61
CA ILE A 189 -20.21 22.92 -16.61
C ILE A 189 -19.19 23.81 -15.90
N TYR A 190 -17.96 23.85 -16.44
CA TYR A 190 -16.90 24.67 -15.86
C TYR A 190 -17.11 26.12 -16.27
N GLY A 191 -17.45 26.96 -15.30
CA GLY A 191 -17.75 28.35 -15.60
C GLY A 191 -18.96 28.44 -16.51
N ASP A 192 -18.92 29.39 -17.44
CA ASP A 192 -19.99 29.50 -18.43
C ASP A 192 -19.96 28.38 -19.47
N GLY A 193 -18.89 27.58 -19.48
CA GLY A 193 -18.75 26.57 -20.51
C GLY A 193 -18.59 27.11 -21.92
N ASN A 194 -18.10 28.34 -22.05
CA ASN A 194 -17.86 28.98 -23.33
C ASN A 194 -16.37 29.12 -23.63
N VAL A 195 -15.51 28.36 -22.96
CA VAL A 195 -14.06 28.42 -23.20
C VAL A 195 -13.67 27.30 -24.17
N LYS A 196 -13.00 27.67 -25.26
CA LYS A 196 -12.68 26.69 -26.30
C LYS A 196 -11.59 25.73 -25.85
N VAL A 197 -11.81 24.44 -26.09
CA VAL A 197 -10.87 23.37 -25.78
C VAL A 197 -10.60 22.57 -27.05
N VAL A 198 -9.40 21.98 -27.13
CA VAL A 198 -8.95 21.19 -28.27
C VAL A 198 -9.07 19.72 -27.87
N PHE A 199 -9.77 18.93 -28.68
CA PHE A 199 -9.95 17.50 -28.44
C PHE A 199 -9.43 16.69 -29.61
N ALA A 200 -8.92 15.48 -29.31
CA ALA A 200 -8.48 14.63 -30.40
C ALA A 200 -8.49 13.17 -29.99
N ASP A 201 -9.06 12.35 -30.86
CA ASP A 201 -8.96 10.90 -30.73
C ASP A 201 -7.50 10.48 -30.66
N GLU A 202 -7.16 9.70 -29.62
CA GLU A 202 -5.79 9.30 -29.39
C GLU A 202 -5.22 8.50 -30.56
N ASP A 203 -6.07 7.79 -31.30
CA ASP A 203 -5.56 7.09 -32.47
C ASP A 203 -5.09 8.08 -33.54
N ASP A 204 -5.78 9.21 -33.68
CA ASP A 204 -5.31 10.26 -34.60
C ASP A 204 -4.03 10.89 -34.08
N ILE A 205 -3.93 11.15 -32.78
CA ILE A 205 -2.67 11.62 -32.21
C ILE A 205 -1.54 10.71 -32.61
N ALA A 206 -1.75 9.39 -32.46
CA ALA A 206 -0.72 8.43 -32.84
C ALA A 206 -0.42 8.50 -34.32
N LYS A 207 -1.45 8.63 -35.15
CA LYS A 207 -1.19 8.65 -36.59
C LYS A 207 -0.44 9.92 -36.99
N TYR A 208 -0.76 11.06 -36.37
CA TYR A 208 0.00 12.30 -36.62
C TYR A 208 1.45 12.15 -36.15
N THR A 209 1.66 11.47 -35.02
CA THR A 209 3.01 11.24 -34.54
C THR A 209 3.80 10.39 -35.52
N ALA A 210 3.20 9.29 -36.01
CA ALA A 210 3.91 8.47 -36.99
C ALA A 210 4.22 9.23 -38.26
N LYS A 211 3.37 10.16 -38.66
CA LYS A 211 3.63 10.87 -39.89
C LYS A 211 4.65 11.98 -39.71
N THR A 212 4.66 12.63 -38.54
CA THR A 212 5.53 13.78 -38.34
C THR A 212 6.97 13.40 -37.99
N LEU A 213 7.22 12.20 -37.45
CA LEU A 213 8.52 11.87 -36.89
C LEU A 213 9.65 11.85 -37.94
N ASN A 214 9.33 11.83 -39.23
CA ASN A 214 10.37 11.89 -40.25
C ASN A 214 10.05 12.97 -41.30
N ASP A 215 9.26 13.96 -40.92
CA ASP A 215 8.85 15.04 -41.82
C ASP A 215 9.80 16.20 -41.63
N PRO A 216 10.58 16.60 -42.64
CA PRO A 216 11.49 17.74 -42.48
C PRO A 216 10.77 18.99 -42.02
N ARG A 217 9.50 19.15 -42.37
CA ARG A 217 8.80 20.36 -41.97
C ARG A 217 8.74 20.50 -40.47
N THR A 218 8.91 19.41 -39.72
CA THR A 218 8.75 19.44 -38.28
C THR A 218 10.05 19.17 -37.54
N LEU A 219 11.17 19.09 -38.24
CA LEU A 219 12.46 18.98 -37.58
C LEU A 219 12.71 20.19 -36.69
N ASN A 220 13.09 19.94 -35.44
CA ASN A 220 13.38 21.00 -34.46
C ASN A 220 12.20 21.96 -34.27
N LYS A 221 10.97 21.42 -34.33
CA LYS A 221 9.75 22.22 -34.22
C LYS A 221 8.82 21.67 -33.13
N THR A 222 7.99 22.57 -32.58
CA THR A 222 6.76 22.15 -31.90
C THR A 222 5.67 21.96 -32.96
N VAL A 223 5.07 20.76 -33.00
CA VAL A 223 3.92 20.48 -33.86
C VAL A 223 2.69 20.46 -32.98
N ASN A 224 1.65 21.20 -33.38
CA ASN A 224 0.40 21.30 -32.63
C ASN A 224 -0.64 20.39 -33.26
N ILE A 225 -1.37 19.65 -32.44
CA ILE A 225 -2.53 18.87 -32.87
C ILE A 225 -3.74 19.70 -32.50
N ARG A 226 -4.29 20.41 -33.48
CA ARG A 226 -5.45 21.26 -33.26
C ARG A 226 -6.37 21.15 -34.47
N PRO A 227 -7.01 20.00 -34.64
CA PRO A 227 -7.93 19.84 -35.78
C PRO A 227 -9.12 20.76 -35.64
N PRO A 228 -9.37 21.63 -36.64
CA PRO A 228 -10.33 22.74 -36.44
C PRO A 228 -11.73 22.34 -36.02
N ASP A 229 -12.28 21.23 -36.53
CA ASP A 229 -13.63 20.80 -36.12
C ASP A 229 -13.69 20.30 -34.69
N ASN A 230 -12.54 20.04 -34.07
CA ASN A 230 -12.48 19.55 -32.71
C ASN A 230 -12.11 20.64 -31.72
N VAL A 231 -12.22 21.90 -32.13
CA VAL A 231 -12.08 23.02 -31.21
C VAL A 231 -13.49 23.34 -30.73
N LEU A 232 -13.81 22.91 -29.51
CA LEU A 232 -15.16 22.98 -28.98
C LEU A 232 -15.13 23.49 -27.56
N THR A 233 -16.10 24.33 -27.20
CA THR A 233 -16.33 24.64 -25.79
C THR A 233 -16.96 23.43 -25.09
N GLN A 234 -16.90 23.43 -23.76
CA GLN A 234 -17.51 22.34 -23.02
C GLN A 234 -19.02 22.26 -23.25
N LEU A 235 -19.67 23.42 -23.38
CA LEU A 235 -21.10 23.40 -23.66
C LEU A 235 -21.38 22.87 -25.06
N GLU A 236 -20.56 23.25 -26.05
CA GLU A 236 -20.70 22.64 -27.37
C GLU A 236 -20.55 21.12 -27.29
N LEU A 237 -19.56 20.63 -26.54
CA LEU A 237 -19.38 19.19 -26.42
C LEU A 237 -20.60 18.53 -25.75
N VAL A 238 -21.09 19.13 -24.67
CA VAL A 238 -22.31 18.63 -24.03
C VAL A 238 -23.48 18.61 -25.03
N GLN A 239 -23.67 19.69 -25.78
CA GLN A 239 -24.82 19.77 -26.67
C GLN A 239 -24.73 18.74 -27.79
N ILE A 240 -23.52 18.37 -28.21
CA ILE A 240 -23.40 17.25 -29.15
C ILE A 240 -24.05 16.01 -28.57
N TRP A 241 -23.74 15.69 -27.30
CA TRP A 241 -24.29 14.51 -26.65
C TRP A 241 -25.80 14.61 -26.45
N GLU A 242 -26.31 15.79 -26.07
CA GLU A 242 -27.75 15.95 -25.90
C GLU A 242 -28.47 15.71 -27.21
N LYS A 243 -27.86 16.15 -28.32
CA LYS A 243 -28.47 15.91 -29.61
C LYS A 243 -28.41 14.43 -29.99
N LEU A 244 -27.29 13.75 -29.71
CA LEU A 244 -27.17 12.34 -30.05
C LEU A 244 -28.13 11.47 -29.24
N THR A 245 -28.40 11.85 -28.00
CA THR A 245 -29.28 11.07 -27.13
C THR A 245 -30.72 11.57 -27.16
N GLY A 246 -30.96 12.77 -27.66
CA GLY A 246 -32.31 13.33 -27.63
C GLY A 246 -32.75 13.70 -26.24
N LYS A 247 -31.81 14.03 -25.36
CA LYS A 247 -32.12 14.32 -23.96
C LYS A 247 -31.27 15.47 -23.47
N GLU A 248 -31.92 16.51 -22.97
CA GLU A 248 -31.20 17.58 -22.31
C GLU A 248 -30.67 17.10 -20.97
N LEU A 249 -29.47 17.53 -20.61
CA LEU A 249 -28.89 17.26 -19.29
C LEU A 249 -29.06 18.48 -18.38
N GLU A 250 -29.38 18.22 -17.12
CA GLU A 250 -29.40 19.26 -16.11
C GLU A 250 -27.98 19.73 -15.85
N LYS A 251 -27.69 21.00 -16.12
CA LYS A 251 -26.34 21.52 -16.06
C LYS A 251 -26.18 22.42 -14.84
N THR A 252 -25.14 22.17 -14.05
CA THR A 252 -24.75 23.05 -12.95
C THR A 252 -23.45 23.76 -13.32
N ASN A 253 -23.49 25.09 -13.34
CA ASN A 253 -22.30 25.89 -13.64
C ASN A 253 -21.46 26.05 -12.38
N ILE A 254 -20.18 25.69 -12.47
CA ILE A 254 -19.27 25.76 -11.32
C ILE A 254 -18.31 26.91 -11.51
N ALA A 255 -18.40 27.91 -10.64
CA ALA A 255 -17.48 29.05 -10.69
C ALA A 255 -16.05 28.63 -10.31
N ALA A 256 -15.08 29.40 -10.81
CA ALA A 256 -13.68 29.07 -10.58
C ALA A 256 -13.36 28.93 -9.10
N GLN A 257 -13.87 29.86 -8.26
CA GLN A 257 -13.53 29.79 -6.84
C GLN A 257 -14.05 28.52 -6.20
N ASP A 258 -15.22 28.03 -6.62
CA ASP A 258 -15.79 26.84 -5.99
C ASP A 258 -15.15 25.57 -6.53
N PHE A 259 -14.68 25.61 -7.79
CA PHE A 259 -13.98 24.47 -8.37
C PHE A 259 -12.69 24.19 -7.63
N LEU A 260 -11.95 25.24 -7.28
CA LEU A 260 -10.64 25.16 -6.63
C LEU A 260 -10.70 25.18 -5.09
N ALA A 261 -11.88 25.36 -4.50
CA ALA A 261 -11.95 25.50 -3.05
C ALA A 261 -11.43 24.26 -2.33
N ASN A 262 -10.57 24.49 -1.33
CA ASN A 262 -10.02 23.40 -0.51
C ASN A 262 -9.20 22.41 -1.34
N ILE A 263 -8.67 22.88 -2.48
CA ILE A 263 -7.82 22.02 -3.28
C ILE A 263 -6.62 21.53 -2.47
N GLU A 264 -6.09 22.38 -1.58
CA GLU A 264 -4.88 22.08 -0.83
C GLU A 264 -5.07 20.89 0.10
N GLN A 265 -6.31 20.50 0.39
CA GLN A 265 -6.60 19.42 1.32
C GLN A 265 -6.82 18.09 0.65
N MET A 266 -6.80 18.03 -0.68
CA MET A 266 -7.13 16.79 -1.34
C MET A 266 -5.87 16.03 -1.72
N GLU A 267 -6.06 14.75 -2.04
CA GLU A 267 -4.94 13.90 -2.38
C GLU A 267 -4.25 14.44 -3.63
N ILE A 268 -2.93 14.17 -3.70
CA ILE A 268 -2.10 14.88 -4.68
C ILE A 268 -2.49 14.59 -6.12
N PRO A 269 -2.78 13.35 -6.52
CA PRO A 269 -3.15 13.10 -7.92
C PRO A 269 -4.43 13.82 -8.33
N HIS A 270 -5.37 13.97 -7.39
CA HIS A 270 -6.56 14.79 -7.61
C HIS A 270 -6.23 16.28 -7.66
N GLN A 271 -5.33 16.77 -6.81
CA GLN A 271 -4.92 18.17 -6.92
C GLN A 271 -4.36 18.48 -8.31
N ALA A 272 -3.52 17.59 -8.84
CA ALA A 272 -2.98 17.76 -10.18
C ALA A 272 -4.11 17.79 -11.22
N GLY A 273 -5.01 16.82 -11.16
CA GLY A 273 -6.11 16.81 -12.10
C GLY A 273 -6.88 18.11 -12.09
N ILE A 274 -7.23 18.59 -10.88
CA ILE A 274 -7.97 19.85 -10.78
C ILE A 274 -7.17 20.98 -11.38
N GLY A 275 -5.87 21.06 -11.08
CA GLY A 275 -5.05 22.10 -11.67
C GLY A 275 -5.07 22.05 -13.19
N HIS A 276 -4.98 20.85 -13.75
CA HIS A 276 -4.97 20.74 -15.20
C HIS A 276 -6.32 21.15 -15.78
N PHE A 277 -7.41 20.62 -15.22
CA PHE A 277 -8.72 21.02 -15.73
C PHE A 277 -8.90 22.54 -15.65
N TYR A 278 -8.34 23.18 -14.63
CA TYR A 278 -8.50 24.63 -14.50
C TYR A 278 -7.81 25.35 -15.64
N HIS A 279 -6.56 24.98 -15.94
CA HIS A 279 -5.87 25.58 -17.09
C HIS A 279 -6.66 25.36 -18.37
N ILE A 280 -7.19 24.16 -18.57
CA ILE A 280 -7.81 23.82 -19.85
C ILE A 280 -9.16 24.50 -20.01
N PHE A 281 -10.01 24.41 -18.98
CA PHE A 281 -11.40 24.82 -19.09
C PHE A 281 -11.69 26.20 -18.54
N TYR A 282 -10.91 26.71 -17.59
CA TYR A 282 -11.13 28.06 -17.09
C TYR A 282 -10.21 29.11 -17.74
N GLU A 283 -8.92 28.83 -17.81
CA GLU A 283 -8.00 29.73 -18.50
C GLU A 283 -7.95 29.50 -20.01
N GLY A 284 -8.42 28.35 -20.50
CA GLY A 284 -8.38 28.06 -21.92
C GLY A 284 -6.98 28.03 -22.50
N CYS A 285 -6.04 27.31 -21.84
CA CYS A 285 -4.65 27.30 -22.29
C CYS A 285 -4.45 26.65 -23.66
N LEU A 286 -5.35 25.78 -24.11
CA LEU A 286 -5.15 25.16 -25.42
C LEU A 286 -5.60 26.02 -26.59
N THR A 287 -6.31 27.12 -26.35
CA THR A 287 -6.79 27.95 -27.43
C THR A 287 -6.50 29.43 -27.24
N ASP A 288 -5.77 29.81 -26.19
CA ASP A 288 -5.51 31.22 -25.90
C ASP A 288 -4.38 31.79 -26.74
N HIS A 289 -3.97 31.08 -27.80
CA HIS A 289 -2.88 31.51 -28.67
C HIS A 289 -3.12 30.87 -30.02
N GLU A 290 -2.69 31.53 -31.08
CA GLU A 290 -2.86 30.99 -32.42
C GLU A 290 -1.61 30.24 -32.88
N VAL A 291 -1.82 29.29 -33.79
CA VAL A 291 -0.76 28.51 -34.40
C VAL A 291 -0.98 28.51 -35.90
N GLY A 292 0.14 28.40 -36.65
CA GLY A 292 0.08 28.41 -38.10
C GLY A 292 -0.14 27.03 -38.70
N GLU A 293 -0.58 27.03 -39.97
CA GLU A 293 -0.83 25.77 -40.68
C GLU A 293 0.46 24.98 -40.85
N ASP A 294 1.61 25.66 -40.89
CA ASP A 294 2.89 25.01 -41.04
C ASP A 294 3.38 24.38 -39.74
N GLU A 295 2.68 24.59 -38.63
CA GLU A 295 3.01 23.96 -37.36
C GLU A 295 1.80 23.27 -36.73
N GLU A 296 0.82 22.88 -37.53
CA GLU A 296 -0.40 22.24 -37.04
C GLU A 296 -0.67 20.97 -37.82
N ALA A 297 -0.93 19.88 -37.09
CA ALA A 297 -0.86 18.54 -37.68
C ALA A 297 -1.99 18.29 -38.69
N SER A 298 -3.20 18.78 -38.42
CA SER A 298 -4.29 18.49 -39.36
C SER A 298 -4.03 19.12 -40.72
N SER A 299 -3.43 20.31 -40.75
CA SER A 299 -3.09 20.97 -42.01
C SER A 299 -1.79 20.40 -42.62
N LEU A 300 -0.82 20.01 -41.77
CA LEU A 300 0.37 19.35 -42.30
C LEU A 300 0.05 18.00 -42.90
N TYR A 301 -0.88 17.25 -42.32
CA TYR A 301 -1.15 15.88 -42.76
C TYR A 301 -2.63 15.76 -43.08
N PRO A 302 -3.07 16.36 -44.18
CA PRO A 302 -4.52 16.41 -44.47
C PRO A 302 -5.09 15.07 -44.91
N ASP A 303 -4.28 14.05 -45.18
CA ASP A 303 -4.84 12.73 -45.46
C ASP A 303 -5.32 11.99 -44.21
N VAL A 304 -5.06 12.52 -43.02
CA VAL A 304 -5.62 11.97 -41.79
C VAL A 304 -7.04 12.51 -41.67
N LYS A 305 -8.02 11.64 -41.89
CA LYS A 305 -9.42 12.06 -41.74
C LYS A 305 -9.75 11.92 -40.26
N TYR A 306 -9.46 12.98 -39.51
CA TYR A 306 -9.49 12.83 -38.05
C TYR A 306 -10.93 12.64 -37.57
N LYS A 307 -11.08 11.95 -36.45
CA LYS A 307 -12.41 11.63 -35.94
C LYS A 307 -12.99 12.85 -35.23
N ARG A 308 -14.14 13.33 -35.70
CA ARG A 308 -14.79 14.43 -35.00
C ARG A 308 -15.44 13.91 -33.72
N MET A 309 -15.72 14.84 -32.81
CA MET A 309 -16.20 14.42 -31.50
C MET A 309 -17.64 13.96 -31.49
N ASP A 310 -18.44 14.25 -32.53
CA ASP A 310 -19.75 13.60 -32.60
C ASP A 310 -19.59 12.12 -32.91
N ASP A 311 -18.71 11.79 -33.87
CA ASP A 311 -18.44 10.38 -34.12
C ASP A 311 -17.76 9.72 -32.95
N TYR A 312 -16.93 10.45 -32.20
CA TYR A 312 -16.30 9.82 -31.05
C TYR A 312 -17.35 9.47 -29.99
N LEU A 313 -18.26 10.42 -29.72
CA LEU A 313 -19.30 10.21 -28.70
C LEU A 313 -20.30 9.13 -29.10
N ARG A 314 -20.53 8.95 -30.40
CA ARG A 314 -21.47 7.93 -30.84
C ARG A 314 -21.09 6.54 -30.33
N MET A 315 -19.80 6.29 -30.12
CA MET A 315 -19.37 4.99 -29.62
C MET A 315 -19.98 4.69 -28.25
N PHE A 316 -20.39 5.73 -27.53
CA PHE A 316 -20.95 5.56 -26.19
C PHE A 316 -22.46 5.42 -26.19
N LEU A 317 -23.11 5.41 -27.36
CA LEU A 317 -24.58 5.33 -27.40
C LEU A 317 -25.08 3.89 -27.13
N LYS B 9 -31.37 -18.05 -30.73
CA LYS B 9 -30.14 -17.48 -30.19
C LYS B 9 -30.12 -17.52 -28.66
N THR B 10 -29.12 -18.19 -28.07
CA THR B 10 -29.00 -18.19 -26.62
C THR B 10 -28.55 -16.83 -26.12
N ARG B 11 -29.22 -16.33 -25.09
CA ARG B 11 -28.84 -15.07 -24.44
C ARG B 11 -27.92 -15.38 -23.27
N VAL B 12 -26.72 -14.81 -23.32
CA VAL B 12 -25.66 -15.09 -22.34
C VAL B 12 -25.21 -13.79 -21.70
N LEU B 13 -25.09 -13.79 -20.37
CA LEU B 13 -24.46 -12.72 -19.63
C LEU B 13 -23.10 -13.17 -19.09
N VAL B 14 -22.07 -12.37 -19.36
CA VAL B 14 -20.74 -12.61 -18.82
C VAL B 14 -20.51 -11.60 -17.70
N VAL B 15 -20.18 -12.12 -16.52
CA VAL B 15 -19.87 -11.33 -15.34
C VAL B 15 -18.39 -11.54 -15.07
N GLY B 16 -17.63 -10.45 -15.07
CA GLY B 16 -16.21 -10.55 -15.19
C GLY B 16 -15.73 -10.32 -16.62
N ALA B 17 -16.41 -9.46 -17.37
CA ALA B 17 -16.25 -9.43 -18.82
C ALA B 17 -14.90 -8.85 -19.26
N THR B 18 -14.26 -8.03 -18.42
CA THR B 18 -12.94 -7.45 -18.73
C THR B 18 -11.80 -8.28 -18.15
N GLY B 19 -12.10 -9.45 -17.60
CA GLY B 19 -11.09 -10.28 -16.97
C GLY B 19 -10.22 -10.97 -17.99
N TYR B 20 -9.15 -11.59 -17.50
CA TYR B 20 -8.21 -12.26 -18.39
C TYR B 20 -8.89 -13.36 -19.20
N ILE B 21 -9.50 -14.34 -18.52
CA ILE B 21 -10.28 -15.31 -19.25
C ILE B 21 -11.62 -14.69 -19.63
N GLY B 22 -12.13 -13.75 -18.83
CA GLY B 22 -13.45 -13.20 -19.10
C GLY B 22 -13.56 -12.54 -20.46
N LYS B 23 -12.60 -11.67 -20.80
CA LYS B 23 -12.71 -11.02 -22.10
C LYS B 23 -12.63 -12.05 -23.23
N ARG B 24 -11.85 -13.11 -23.06
CA ARG B 24 -11.81 -14.13 -24.11
C ARG B 24 -13.16 -14.82 -24.21
N ILE B 25 -13.83 -14.99 -23.08
CA ILE B 25 -15.14 -15.62 -23.12
C ILE B 25 -16.15 -14.74 -23.83
N VAL B 26 -16.11 -13.43 -23.60
CA VAL B 26 -17.02 -12.53 -24.31
C VAL B 26 -16.85 -12.71 -25.81
N ARG B 27 -15.60 -12.63 -26.29
CA ARG B 27 -15.39 -12.68 -27.73
C ARG B 27 -15.81 -14.03 -28.30
N ALA B 28 -15.58 -15.13 -27.57
CA ALA B 28 -15.93 -16.43 -28.10
C ALA B 28 -17.45 -16.64 -28.11
N CYS B 29 -18.16 -16.07 -27.13
CA CYS B 29 -19.62 -16.11 -27.16
C CYS B 29 -20.15 -15.36 -28.37
N LEU B 30 -19.58 -14.20 -28.68
CA LEU B 30 -19.99 -13.49 -29.88
C LEU B 30 -19.68 -14.28 -31.13
N ALA B 31 -18.49 -14.88 -31.22
CA ALA B 31 -18.13 -15.62 -32.42
C ALA B 31 -19.01 -16.86 -32.57
N GLU B 32 -19.46 -17.40 -31.45
CA GLU B 32 -20.34 -18.56 -31.48
C GLU B 32 -21.79 -18.21 -31.87
N GLY B 33 -22.14 -16.93 -31.94
CA GLY B 33 -23.48 -16.53 -32.32
C GLY B 33 -24.43 -16.27 -31.17
N HIS B 34 -23.99 -16.46 -29.92
CA HIS B 34 -24.85 -16.11 -28.80
C HIS B 34 -25.15 -14.62 -28.80
N GLU B 35 -26.34 -14.28 -28.34
CA GLU B 35 -26.68 -12.89 -28.01
C GLU B 35 -26.02 -12.59 -26.68
N THR B 36 -24.97 -11.78 -26.71
CA THR B 36 -24.03 -11.69 -25.62
C THR B 36 -24.17 -10.35 -24.90
N TYR B 37 -24.43 -10.45 -23.60
CA TYR B 37 -24.52 -9.35 -22.64
C TYR B 37 -23.29 -9.38 -21.75
N VAL B 38 -22.87 -8.19 -21.31
CA VAL B 38 -21.72 -8.08 -20.41
C VAL B 38 -22.08 -7.12 -19.31
N LEU B 39 -21.72 -7.47 -18.09
CA LEU B 39 -22.00 -6.66 -16.94
C LEU B 39 -20.94 -5.57 -16.85
N GLN B 40 -21.38 -4.32 -16.95
CA GLN B 40 -20.53 -3.16 -16.67
C GLN B 40 -20.82 -2.62 -15.28
N ARG B 41 -19.81 -2.72 -14.37
CA ARG B 41 -20.05 -2.28 -13.01
C ARG B 41 -19.71 -0.79 -12.85
N PRO B 42 -20.46 -0.09 -12.01
CA PRO B 42 -20.29 1.38 -11.91
C PRO B 42 -19.02 1.82 -11.19
N GLU B 43 -18.29 0.94 -10.51
CA GLU B 43 -17.09 1.39 -9.83
C GLU B 43 -15.90 1.48 -10.78
N ILE B 44 -16.12 1.14 -12.05
CA ILE B 44 -15.19 1.44 -13.15
C ILE B 44 -14.98 2.94 -13.12
N GLY B 45 -13.95 3.39 -12.45
CA GLY B 45 -13.77 4.82 -12.40
C GLY B 45 -12.88 5.23 -13.54
N LEU B 46 -11.63 5.54 -13.22
CA LEU B 46 -10.64 5.90 -14.23
C LEU B 46 -9.88 4.71 -14.77
N GLU B 47 -10.44 3.52 -14.68
CA GLU B 47 -9.79 2.34 -15.24
C GLU B 47 -10.07 2.30 -16.73
N ILE B 48 -9.28 3.11 -17.45
CA ILE B 48 -9.55 3.38 -18.85
C ILE B 48 -9.54 2.11 -19.68
N GLU B 49 -8.63 1.18 -19.38
CA GLU B 49 -8.55 -0.05 -20.16
C GLU B 49 -9.82 -0.88 -20.04
N LYS B 50 -10.46 -0.88 -18.85
CA LYS B 50 -11.76 -1.54 -18.72
C LYS B 50 -12.79 -0.83 -19.57
N VAL B 51 -12.85 0.49 -19.43
CA VAL B 51 -13.85 1.27 -20.17
C VAL B 51 -13.73 0.99 -21.67
N GLN B 52 -12.50 1.02 -22.19
CA GLN B 52 -12.32 0.83 -23.60
C GLN B 52 -12.52 -0.62 -24.02
N LEU B 53 -12.31 -1.58 -23.12
CA LEU B 53 -12.67 -2.95 -23.47
C LEU B 53 -14.17 -3.07 -23.74
N PHE B 54 -14.99 -2.48 -22.86
CA PHE B 54 -16.43 -2.52 -23.08
C PHE B 54 -16.81 -1.87 -24.42
N LEU B 55 -16.21 -0.72 -24.74
CA LEU B 55 -16.46 -0.14 -26.06
C LEU B 55 -16.08 -1.10 -27.17
N SER B 56 -14.97 -1.83 -27.03
CA SER B 56 -14.61 -2.81 -28.05
C SER B 56 -15.65 -3.94 -28.12
N PHE B 57 -16.19 -4.35 -26.96
CA PHE B 57 -17.24 -5.35 -26.94
C PHE B 57 -18.48 -4.85 -27.68
N LYS B 58 -18.91 -3.61 -27.40
CA LYS B 58 -20.10 -3.08 -28.05
C LYS B 58 -19.96 -3.10 -29.57
N LYS B 59 -18.80 -2.68 -30.07
CA LYS B 59 -18.63 -2.66 -31.52
C LYS B 59 -18.65 -4.06 -32.12
N LEU B 60 -18.21 -5.07 -31.37
CA LEU B 60 -18.34 -6.44 -31.84
C LEU B 60 -19.78 -6.96 -31.77
N GLY B 61 -20.69 -6.25 -31.11
CA GLY B 61 -22.09 -6.63 -31.02
C GLY B 61 -22.58 -6.98 -29.63
N ALA B 62 -21.75 -6.88 -28.59
CA ALA B 62 -22.21 -7.18 -27.23
C ALA B 62 -23.14 -6.09 -26.72
N ARG B 63 -24.05 -6.46 -25.83
CA ARG B 63 -24.97 -5.53 -25.19
C ARG B 63 -24.53 -5.27 -23.77
N ILE B 64 -24.46 -3.99 -23.41
CA ILE B 64 -23.99 -3.54 -22.11
C ILE B 64 -25.13 -3.64 -21.11
N VAL B 65 -24.87 -4.23 -19.95
CA VAL B 65 -25.85 -4.26 -18.86
C VAL B 65 -25.18 -3.69 -17.62
N GLU B 66 -25.76 -2.64 -17.05
CA GLU B 66 -25.20 -1.99 -15.88
C GLU B 66 -25.67 -2.69 -14.60
N GLY B 67 -24.74 -2.95 -13.69
CA GLY B 67 -25.11 -3.54 -12.42
C GLY B 67 -23.91 -3.51 -11.49
N SER B 68 -24.21 -3.59 -10.18
CA SER B 68 -23.17 -3.62 -9.16
C SER B 68 -23.40 -4.80 -8.23
N PHE B 69 -22.30 -5.42 -7.79
CA PHE B 69 -22.44 -6.48 -6.80
C PHE B 69 -22.90 -5.95 -5.44
N SER B 70 -22.89 -4.64 -5.23
CA SER B 70 -23.41 -4.11 -3.97
C SER B 70 -24.87 -3.71 -4.08
N ASP B 71 -25.50 -3.97 -5.23
CA ASP B 71 -26.87 -3.58 -5.53
C ASP B 71 -27.57 -4.85 -6.01
N HIS B 72 -28.10 -5.61 -5.05
CA HIS B 72 -28.69 -6.91 -5.34
C HIS B 72 -29.71 -6.83 -6.48
N GLN B 73 -30.63 -5.87 -6.40
CA GLN B 73 -31.66 -5.77 -7.44
C GLN B 73 -31.07 -5.47 -8.81
N SER B 74 -29.97 -4.71 -8.89
CA SER B 74 -29.34 -4.53 -10.21
C SER B 74 -28.90 -5.88 -10.78
N LEU B 75 -28.36 -6.77 -9.92
CA LEU B 75 -27.96 -8.10 -10.39
C LEU B 75 -29.17 -8.93 -10.79
N VAL B 76 -30.23 -8.91 -10.00
CA VAL B 76 -31.43 -9.63 -10.39
C VAL B 76 -31.91 -9.12 -11.74
N SER B 77 -31.94 -7.80 -11.93
CA SER B 77 -32.39 -7.27 -13.21
C SER B 77 -31.52 -7.75 -14.35
N ALA B 78 -30.23 -7.92 -14.12
CA ALA B 78 -29.30 -8.32 -15.19
C ALA B 78 -29.50 -9.77 -15.59
N VAL B 79 -29.48 -10.69 -14.63
CA VAL B 79 -29.63 -12.11 -14.97
C VAL B 79 -31.02 -12.41 -15.53
N LYS B 80 -32.02 -11.57 -15.23
CA LYS B 80 -33.33 -11.77 -15.81
C LYS B 80 -33.32 -11.65 -17.32
N LEU B 81 -32.34 -10.93 -17.87
CA LEU B 81 -32.30 -10.66 -19.29
C LEU B 81 -31.82 -11.85 -20.12
N VAL B 82 -31.21 -12.87 -19.51
CA VAL B 82 -30.50 -13.88 -20.26
C VAL B 82 -31.00 -15.28 -19.89
N ASP B 83 -30.58 -16.25 -20.70
CA ASP B 83 -30.77 -17.67 -20.46
C ASP B 83 -29.62 -18.31 -19.70
N VAL B 84 -28.38 -17.84 -19.89
CA VAL B 84 -27.22 -18.41 -19.22
C VAL B 84 -26.32 -17.31 -18.69
N VAL B 85 -25.70 -17.57 -17.54
CA VAL B 85 -24.76 -16.67 -16.89
C VAL B 85 -23.41 -17.37 -16.80
N VAL B 86 -22.37 -16.70 -17.27
CA VAL B 86 -21.00 -17.18 -17.10
C VAL B 86 -20.25 -16.19 -16.23
N SER B 87 -19.63 -16.69 -15.18
CA SER B 87 -18.83 -15.90 -14.27
C SER B 87 -17.34 -16.16 -14.50
N ALA B 88 -16.55 -15.10 -14.58
CA ALA B 88 -15.10 -15.20 -14.75
C ALA B 88 -14.42 -14.46 -13.61
N MET B 89 -15.10 -14.43 -12.48
CA MET B 89 -14.60 -13.79 -11.27
C MET B 89 -13.15 -14.17 -11.00
N SER B 90 -12.42 -13.24 -10.39
CA SER B 90 -11.00 -13.42 -10.17
C SER B 90 -10.75 -14.58 -9.22
N GLY B 91 -9.59 -15.21 -9.39
CA GLY B 91 -9.25 -16.30 -8.50
C GLY B 91 -7.78 -16.67 -8.55
N VAL B 92 -6.92 -15.64 -8.51
CA VAL B 92 -5.45 -15.81 -8.51
C VAL B 92 -4.88 -14.88 -7.44
N HIS B 93 -4.17 -15.46 -6.46
CA HIS B 93 -3.78 -14.66 -5.29
C HIS B 93 -2.95 -13.44 -5.70
N PHE B 94 -2.03 -13.59 -6.64
CA PHE B 94 -1.22 -12.42 -6.97
C PHE B 94 -1.95 -11.41 -7.85
N ARG B 95 -3.19 -11.70 -8.26
CA ARG B 95 -4.03 -10.77 -9.02
C ARG B 95 -5.16 -10.21 -8.18
N SER B 96 -6.14 -11.05 -7.85
CA SER B 96 -7.12 -10.88 -6.78
C SER B 96 -7.89 -12.19 -6.73
N HIS B 97 -8.53 -12.46 -5.59
CA HIS B 97 -9.04 -13.80 -5.33
C HIS B 97 -10.42 -13.65 -4.69
N ASN B 98 -11.38 -13.21 -5.49
CA ASN B 98 -12.68 -12.80 -4.98
C ASN B 98 -13.78 -13.77 -5.35
N ILE B 99 -13.41 -15.04 -5.48
CA ILE B 99 -14.35 -16.12 -5.78
C ILE B 99 -15.64 -16.01 -4.96
N LEU B 100 -15.54 -15.66 -3.67
CA LEU B 100 -16.72 -15.73 -2.80
C LEU B 100 -17.72 -14.62 -3.10
N VAL B 101 -17.29 -13.57 -3.83
CA VAL B 101 -18.22 -12.54 -4.24
C VAL B 101 -19.29 -13.09 -5.18
N GLN B 102 -19.00 -14.17 -5.90
CA GLN B 102 -20.04 -14.80 -6.71
C GLN B 102 -21.24 -15.24 -5.87
N LEU B 103 -21.08 -15.46 -4.56
CA LEU B 103 -22.24 -15.85 -3.76
C LEU B 103 -23.38 -14.85 -3.92
N LYS B 104 -23.05 -13.56 -4.11
CA LYS B 104 -24.11 -12.59 -4.34
C LYS B 104 -24.74 -12.75 -5.72
N LEU B 105 -23.94 -13.16 -6.71
CA LEU B 105 -24.50 -13.47 -8.03
C LEU B 105 -25.42 -14.68 -7.98
N VAL B 106 -24.99 -15.73 -7.28
CA VAL B 106 -25.81 -16.92 -7.13
C VAL B 106 -27.15 -16.56 -6.49
N GLU B 107 -27.10 -15.71 -5.46
CA GLU B 107 -28.33 -15.33 -4.77
C GLU B 107 -29.27 -14.56 -5.68
N ALA B 108 -28.71 -13.72 -6.56
CA ALA B 108 -29.54 -12.98 -7.52
C ALA B 108 -30.11 -13.90 -8.58
N ILE B 109 -29.34 -14.88 -9.02
CA ILE B 109 -29.86 -15.88 -9.95
C ILE B 109 -31.01 -16.64 -9.31
N LYS B 110 -30.84 -17.02 -8.05
CA LYS B 110 -31.91 -17.72 -7.32
C LYS B 110 -33.19 -16.90 -7.37
N GLU B 111 -33.14 -15.66 -6.90
CA GLU B 111 -34.34 -14.83 -6.89
C GLU B 111 -34.91 -14.63 -8.30
N ALA B 112 -34.05 -14.49 -9.31
CA ALA B 112 -34.54 -14.21 -10.66
C ALA B 112 -35.41 -15.34 -11.19
N GLY B 113 -34.97 -16.59 -11.02
CA GLY B 113 -35.76 -17.76 -11.36
C GLY B 113 -35.74 -18.21 -12.81
N ASN B 114 -35.20 -17.43 -13.74
CA ASN B 114 -35.29 -17.73 -15.17
C ASN B 114 -34.03 -18.38 -15.74
N VAL B 115 -32.93 -18.39 -15.01
CA VAL B 115 -31.64 -18.77 -15.60
C VAL B 115 -31.63 -20.28 -15.85
N LYS B 116 -31.42 -20.66 -17.11
CA LYS B 116 -31.36 -22.06 -17.50
C LYS B 116 -30.03 -22.72 -17.18
N ARG B 117 -28.97 -21.95 -16.90
CA ARG B 117 -27.68 -22.54 -16.53
C ARG B 117 -26.70 -21.46 -16.12
N PHE B 118 -25.90 -21.77 -15.08
CA PHE B 118 -24.88 -20.90 -14.51
C PHE B 118 -23.54 -21.62 -14.59
N LEU B 119 -22.55 -20.97 -15.19
CA LEU B 119 -21.19 -21.49 -15.17
C LEU B 119 -20.34 -20.62 -14.26
N PRO B 120 -19.97 -21.10 -13.07
CA PRO B 120 -19.17 -20.29 -12.14
C PRO B 120 -17.70 -20.25 -12.53
N SER B 121 -16.95 -19.41 -11.82
CA SER B 121 -15.57 -19.14 -12.19
C SER B 121 -14.71 -20.28 -11.69
N GLU B 122 -14.43 -21.24 -12.57
CA GLU B 122 -13.60 -22.37 -12.17
C GLU B 122 -12.35 -22.38 -13.03
N PHE B 123 -12.42 -23.04 -14.20
CA PHE B 123 -11.43 -22.89 -15.29
C PHE B 123 -10.03 -23.36 -14.89
N GLY B 124 -9.94 -24.27 -13.95
CA GLY B 124 -8.64 -24.74 -13.52
C GLY B 124 -8.71 -26.10 -12.88
N MET B 125 -7.97 -26.28 -11.80
CA MET B 125 -7.97 -27.57 -11.11
C MET B 125 -9.38 -27.87 -10.61
N ASP B 126 -9.69 -29.16 -10.56
CA ASP B 126 -11.02 -29.65 -10.25
C ASP B 126 -11.23 -29.63 -8.73
N PRO B 127 -11.99 -28.64 -8.25
CA PRO B 127 -11.96 -28.31 -6.79
C PRO B 127 -12.20 -29.50 -5.87
N PRO B 128 -13.24 -30.30 -6.09
CA PRO B 128 -13.51 -31.41 -5.14
C PRO B 128 -12.39 -32.44 -5.08
N ARG B 129 -11.48 -32.46 -6.05
CA ARG B 129 -10.38 -33.41 -6.01
C ARG B 129 -9.21 -32.89 -5.21
N MET B 130 -9.28 -31.64 -4.73
CA MET B 130 -8.14 -30.98 -4.12
C MET B 130 -8.26 -30.88 -2.60
N GLY B 131 -9.02 -31.79 -1.98
CA GLY B 131 -9.25 -31.69 -0.55
C GLY B 131 -7.98 -31.73 0.30
N HIS B 132 -6.93 -32.37 -0.21
CA HIS B 132 -5.67 -32.50 0.53
C HIS B 132 -4.82 -31.24 0.48
N ALA B 133 -5.15 -30.27 -0.37
CA ALA B 133 -4.32 -29.08 -0.50
C ALA B 133 -4.17 -28.38 0.85
N LEU B 134 -3.01 -27.73 1.04
CA LEU B 134 -2.72 -26.98 2.26
C LEU B 134 -2.78 -25.48 1.96
N PRO B 135 -3.12 -24.66 2.96
CA PRO B 135 -3.17 -23.20 2.83
C PRO B 135 -1.81 -22.62 2.41
N PRO B 136 -1.82 -21.44 1.77
CA PRO B 136 -2.99 -20.65 1.38
C PRO B 136 -3.59 -21.04 0.02
N GLY B 137 -2.84 -21.78 -0.79
CA GLY B 137 -3.38 -22.21 -2.07
C GLY B 137 -4.71 -22.90 -1.92
N ARG B 138 -4.92 -23.56 -0.79
CA ARG B 138 -6.16 -24.28 -0.54
C ARG B 138 -7.38 -23.37 -0.63
N GLU B 139 -7.25 -22.07 -0.36
CA GLU B 139 -8.40 -21.19 -0.38
C GLU B 139 -9.12 -21.22 -1.73
N THR B 140 -8.37 -21.36 -2.83
CA THR B 140 -9.01 -21.44 -4.14
C THR B 140 -10.02 -22.57 -4.19
N PHE B 141 -9.64 -23.76 -3.73
CA PHE B 141 -10.56 -24.89 -3.85
C PHE B 141 -11.72 -24.78 -2.87
N ASP B 142 -11.46 -24.26 -1.67
CA ASP B 142 -12.51 -24.14 -0.65
C ASP B 142 -13.58 -23.16 -1.08
N GLN B 143 -13.18 -22.00 -1.62
CA GLN B 143 -14.14 -20.99 -2.03
C GLN B 143 -14.86 -21.40 -3.29
N LYS B 144 -14.17 -22.07 -4.23
CA LYS B 144 -14.89 -22.62 -5.37
C LYS B 144 -15.86 -23.72 -4.96
N MET B 145 -15.52 -24.50 -3.91
CA MET B 145 -16.47 -25.49 -3.41
C MET B 145 -17.64 -24.82 -2.67
N GLU B 146 -17.37 -23.75 -1.93
CA GLU B 146 -18.48 -23.05 -1.30
C GLU B 146 -19.44 -22.47 -2.34
N VAL B 147 -18.93 -22.06 -3.50
CA VAL B 147 -19.81 -21.56 -4.55
C VAL B 147 -20.62 -22.70 -5.16
N ARG B 148 -19.95 -23.84 -5.44
CA ARG B 148 -20.64 -25.02 -5.90
C ARG B 148 -21.76 -25.42 -4.95
N GLN B 149 -21.47 -25.43 -3.65
CA GLN B 149 -22.48 -25.77 -2.64
C GLN B 149 -23.68 -24.83 -2.72
N ALA B 150 -23.42 -23.52 -2.83
CA ALA B 150 -24.53 -22.58 -2.86
C ALA B 150 -25.33 -22.69 -4.15
N ILE B 151 -24.66 -23.00 -5.26
CA ILE B 151 -25.37 -23.24 -6.52
C ILE B 151 -26.36 -24.40 -6.34
N GLU B 152 -25.89 -25.48 -5.74
CA GLU B 152 -26.71 -26.68 -5.62
C GLU B 152 -27.80 -26.51 -4.57
N ALA B 153 -27.52 -25.79 -3.48
CA ALA B 153 -28.53 -25.43 -2.49
C ALA B 153 -29.57 -24.46 -3.03
N ALA B 154 -29.33 -23.84 -4.19
CA ALA B 154 -30.29 -22.96 -4.82
C ALA B 154 -31.02 -23.64 -5.95
N GLY B 155 -30.61 -24.84 -6.35
CA GLY B 155 -31.27 -25.53 -7.43
C GLY B 155 -30.94 -25.03 -8.81
N ILE B 156 -29.88 -24.24 -8.95
CA ILE B 156 -29.51 -23.66 -10.24
C ILE B 156 -28.81 -24.73 -11.07
N PRO B 157 -29.23 -24.98 -12.31
CA PRO B 157 -28.47 -25.90 -13.18
C PRO B 157 -27.10 -25.31 -13.53
N TYR B 158 -26.13 -26.18 -13.78
CA TYR B 158 -24.75 -25.73 -13.86
C TYR B 158 -23.97 -26.48 -14.93
N THR B 159 -22.81 -25.91 -15.27
CA THR B 159 -21.69 -26.63 -15.87
C THR B 159 -20.40 -26.13 -15.22
N TYR B 160 -19.55 -27.04 -14.79
CA TYR B 160 -18.25 -26.72 -14.20
C TYR B 160 -17.17 -27.00 -15.24
N VAL B 161 -16.49 -25.95 -15.70
CA VAL B 161 -15.43 -26.10 -16.70
C VAL B 161 -14.08 -26.14 -15.98
N VAL B 162 -13.35 -27.26 -16.15
CA VAL B 162 -12.11 -27.52 -15.39
C VAL B 162 -11.09 -28.23 -16.28
N GLY B 163 -9.86 -28.33 -15.76
CA GLY B 163 -8.96 -29.40 -16.14
C GLY B 163 -7.67 -29.02 -16.83
N ALA B 164 -7.45 -27.76 -17.26
CA ALA B 164 -6.28 -27.41 -18.07
C ALA B 164 -5.52 -26.24 -17.47
N CYS B 165 -4.18 -26.26 -17.62
CA CYS B 165 -3.36 -25.09 -17.34
C CYS B 165 -3.48 -24.06 -18.45
N PHE B 166 -3.70 -22.80 -18.09
CA PHE B 166 -3.74 -21.73 -19.07
C PHE B 166 -2.37 -21.65 -19.74
N ALA B 167 -2.35 -21.72 -21.07
CA ALA B 167 -1.08 -21.75 -21.79
C ALA B 167 -0.12 -20.63 -21.37
N ALA B 168 -0.61 -19.41 -21.16
CA ALA B 168 0.30 -18.29 -20.90
C ALA B 168 1.03 -18.41 -19.57
N TYR B 169 0.42 -19.08 -18.58
CA TYR B 169 1.03 -19.14 -17.26
C TYR B 169 1.87 -20.39 -17.04
N PHE B 170 1.79 -21.37 -17.94
CA PHE B 170 2.45 -22.66 -17.74
C PHE B 170 3.23 -23.18 -18.94
N ALA B 171 2.89 -22.77 -20.15
CA ALA B 171 3.57 -23.24 -21.35
C ALA B 171 4.54 -22.21 -21.90
N GLY B 172 4.11 -20.96 -22.06
CA GLY B 172 4.95 -19.96 -22.70
C GLY B 172 6.19 -19.60 -21.92
N ASN B 173 6.24 -19.99 -20.64
CA ASN B 173 7.38 -19.77 -19.75
C ASN B 173 8.10 -21.09 -19.42
N LEU B 174 7.86 -22.13 -20.21
CA LEU B 174 8.34 -23.47 -19.89
C LEU B 174 8.10 -23.79 -18.42
N SER B 175 6.97 -23.30 -17.87
CA SER B 175 6.53 -23.57 -16.49
C SER B 175 7.47 -23.01 -15.43
N GLN B 176 8.34 -22.06 -15.77
CA GLN B 176 9.13 -21.35 -14.76
C GLN B 176 8.27 -20.32 -14.03
N MET B 177 8.45 -20.24 -12.70
CA MET B 177 7.66 -19.29 -11.94
C MET B 177 8.19 -17.86 -12.06
N VAL B 178 7.31 -16.90 -11.79
CA VAL B 178 7.56 -15.47 -11.78
C VAL B 178 8.08 -14.97 -13.13
N THR B 179 7.79 -15.71 -14.20
CA THR B 179 8.06 -15.21 -15.55
C THR B 179 6.98 -15.71 -16.49
N LEU B 180 6.86 -15.02 -17.62
CA LEU B 180 5.88 -15.39 -18.65
C LEU B 180 6.54 -15.60 -20.01
N LEU B 181 7.87 -15.67 -20.06
CA LEU B 181 8.66 -15.87 -21.28
C LEU B 181 9.56 -17.08 -21.12
N PRO B 182 9.89 -17.75 -22.23
CA PRO B 182 10.86 -18.83 -22.16
C PRO B 182 12.19 -18.32 -21.62
N PRO B 183 12.86 -19.09 -20.78
CA PRO B 183 14.16 -18.67 -20.28
C PRO B 183 15.21 -18.80 -21.37
N LYS B 184 16.26 -17.98 -21.28
CA LYS B 184 17.21 -17.91 -22.39
C LYS B 184 18.23 -19.06 -22.40
N GLU B 185 18.57 -19.63 -21.23
CA GLU B 185 19.68 -20.59 -21.20
C GLU B 185 19.50 -21.73 -20.22
N LYS B 186 18.87 -21.44 -19.08
CA LYS B 186 18.74 -22.37 -17.96
C LYS B 186 17.26 -22.58 -17.66
N VAL B 187 16.88 -23.81 -17.32
CA VAL B 187 15.49 -24.09 -17.01
C VAL B 187 15.43 -25.04 -15.81
N ASN B 188 14.51 -24.77 -14.90
CA ASN B 188 14.25 -25.67 -13.78
C ASN B 188 13.23 -26.73 -14.18
N ILE B 189 13.54 -27.99 -13.91
CA ILE B 189 12.65 -29.11 -14.15
C ILE B 189 12.16 -29.62 -12.80
N TYR B 190 10.83 -29.73 -12.67
CA TYR B 190 10.24 -30.17 -11.42
C TYR B 190 10.33 -31.69 -11.31
N GLY B 191 11.10 -32.17 -10.35
CA GLY B 191 11.31 -33.61 -10.28
C GLY B 191 12.03 -34.11 -11.51
N ASP B 192 11.63 -35.29 -11.98
CA ASP B 192 12.18 -35.82 -13.22
C ASP B 192 11.59 -35.16 -14.46
N GLY B 193 10.53 -34.37 -14.29
CA GLY B 193 9.87 -33.77 -15.45
C GLY B 193 9.11 -34.75 -16.30
N ASN B 194 8.75 -35.91 -15.74
CA ASN B 194 7.98 -36.93 -16.43
C ASN B 194 6.57 -37.07 -15.87
N VAL B 195 6.01 -36.00 -15.34
CA VAL B 195 4.63 -35.99 -14.82
C VAL B 195 3.74 -35.26 -15.84
N LYS B 196 2.69 -35.94 -16.30
CA LYS B 196 1.87 -35.38 -17.37
C LYS B 196 1.03 -34.20 -16.86
N VAL B 197 1.02 -33.13 -17.65
CA VAL B 197 0.24 -31.93 -17.38
C VAL B 197 -0.69 -31.66 -18.55
N VAL B 198 -1.78 -30.93 -18.30
CA VAL B 198 -2.71 -30.52 -19.36
C VAL B 198 -2.52 -29.04 -19.65
N PHE B 199 -2.22 -28.70 -20.90
CA PHE B 199 -2.09 -27.31 -21.33
C PHE B 199 -3.18 -26.98 -22.34
N ALA B 200 -3.70 -25.75 -22.27
CA ALA B 200 -4.64 -25.29 -23.28
C ALA B 200 -4.47 -23.80 -23.50
N ASP B 201 -4.41 -23.41 -24.79
CA ASP B 201 -4.54 -22.01 -25.20
C ASP B 201 -5.83 -21.43 -24.66
N GLU B 202 -5.76 -20.25 -24.04
CA GLU B 202 -6.94 -19.73 -23.35
C GLU B 202 -8.07 -19.36 -24.31
N ASP B 203 -7.76 -19.10 -25.59
CA ASP B 203 -8.80 -18.84 -26.58
C ASP B 203 -9.57 -20.11 -26.91
N ASP B 204 -8.92 -21.28 -26.85
CA ASP B 204 -9.65 -22.54 -26.96
C ASP B 204 -10.50 -22.80 -25.71
N ILE B 205 -9.98 -22.47 -24.52
CA ILE B 205 -10.79 -22.61 -23.32
C ILE B 205 -12.06 -21.78 -23.45
N ALA B 206 -11.94 -20.60 -24.02
CA ALA B 206 -13.12 -19.74 -24.16
C ALA B 206 -14.07 -20.31 -25.20
N LYS B 207 -13.54 -20.85 -26.30
CA LYS B 207 -14.38 -21.41 -27.35
C LYS B 207 -15.19 -22.61 -26.84
N TYR B 208 -14.52 -23.53 -26.11
CA TYR B 208 -15.23 -24.64 -25.50
C TYR B 208 -16.30 -24.15 -24.53
N THR B 209 -15.97 -23.15 -23.70
CA THR B 209 -16.97 -22.56 -22.82
C THR B 209 -18.18 -22.09 -23.62
N ALA B 210 -17.94 -21.31 -24.67
CA ALA B 210 -19.04 -20.78 -25.49
C ALA B 210 -19.85 -21.90 -26.13
N LYS B 211 -19.20 -23.01 -26.48
CA LYS B 211 -19.89 -24.12 -27.11
C LYS B 211 -20.63 -25.01 -26.12
N THR B 212 -20.14 -25.14 -24.89
CA THR B 212 -20.74 -26.05 -23.93
C THR B 212 -21.89 -25.44 -23.15
N LEU B 213 -21.98 -24.10 -23.08
CA LEU B 213 -22.89 -23.47 -22.12
C LEU B 213 -24.36 -23.67 -22.51
N ASN B 214 -24.66 -24.03 -23.75
CA ASN B 214 -26.03 -24.40 -24.11
C ASN B 214 -26.11 -25.83 -24.65
N ASP B 215 -25.13 -26.67 -24.33
CA ASP B 215 -25.09 -28.06 -24.81
C ASP B 215 -25.88 -28.95 -23.86
N PRO B 216 -26.96 -29.59 -24.32
CA PRO B 216 -27.69 -30.50 -23.43
C PRO B 216 -26.82 -31.58 -22.81
N ARG B 217 -25.81 -32.06 -23.55
CA ARG B 217 -24.93 -33.09 -23.01
C ARG B 217 -24.21 -32.65 -21.73
N THR B 218 -24.05 -31.35 -21.50
CA THR B 218 -23.24 -30.88 -20.39
C THR B 218 -24.06 -30.23 -19.29
N LEU B 219 -25.39 -30.35 -19.35
CA LEU B 219 -26.24 -29.81 -18.29
C LEU B 219 -25.99 -30.57 -16.99
N ASN B 220 -25.67 -29.80 -15.93
CA ASN B 220 -25.35 -30.33 -14.61
C ASN B 220 -24.16 -31.29 -14.64
N LYS B 221 -23.17 -31.00 -15.49
CA LYS B 221 -21.97 -31.83 -15.60
C LYS B 221 -20.71 -31.01 -15.32
N THR B 222 -19.66 -31.72 -14.94
CA THR B 222 -18.31 -31.17 -15.01
C THR B 222 -17.77 -31.44 -16.40
N VAL B 223 -17.31 -30.40 -17.10
CA VAL B 223 -16.70 -30.56 -18.42
C VAL B 223 -15.20 -30.38 -18.26
N ASN B 224 -14.42 -31.36 -18.72
CA ASN B 224 -12.96 -31.36 -18.62
C ASN B 224 -12.38 -30.88 -19.95
N ILE B 225 -11.43 -29.94 -19.87
CA ILE B 225 -10.70 -29.49 -21.03
C ILE B 225 -9.36 -30.24 -21.00
N ARG B 226 -9.30 -31.38 -21.70
CA ARG B 226 -8.10 -32.22 -21.75
C ARG B 226 -7.81 -32.63 -23.18
N PRO B 227 -7.34 -31.71 -24.01
CA PRO B 227 -7.03 -32.04 -25.41
C PRO B 227 -5.86 -33.02 -25.51
N PRO B 228 -6.03 -34.14 -26.19
CA PRO B 228 -5.06 -35.23 -26.07
C PRO B 228 -3.66 -34.85 -26.52
N ASP B 229 -3.52 -34.06 -27.58
CA ASP B 229 -2.16 -33.72 -28.01
C ASP B 229 -1.50 -32.75 -27.05
N ASN B 230 -2.26 -32.17 -26.12
CA ASN B 230 -1.74 -31.15 -25.21
C ASN B 230 -1.54 -31.70 -23.81
N VAL B 231 -1.60 -33.02 -23.63
CA VAL B 231 -1.25 -33.65 -22.37
C VAL B 231 0.23 -34.02 -22.44
N LEU B 232 1.06 -33.29 -21.68
CA LEU B 232 2.51 -33.33 -21.88
C LEU B 232 3.20 -33.25 -20.53
N THR B 233 4.39 -33.87 -20.44
CA THR B 233 5.22 -33.67 -19.27
C THR B 233 5.97 -32.35 -19.43
N GLN B 234 6.54 -31.85 -18.33
CA GLN B 234 7.31 -30.63 -18.46
C GLN B 234 8.52 -30.83 -19.38
N LEU B 235 9.11 -32.02 -19.35
CA LEU B 235 10.27 -32.28 -20.21
C LEU B 235 9.86 -32.31 -21.68
N GLU B 236 8.69 -32.88 -21.97
CA GLU B 236 8.16 -32.87 -23.33
C GLU B 236 7.89 -31.44 -23.80
N LEU B 237 7.30 -30.60 -22.94
CA LEU B 237 7.14 -29.19 -23.22
C LEU B 237 8.47 -28.53 -23.56
N VAL B 238 9.47 -28.71 -22.69
CA VAL B 238 10.78 -28.12 -22.93
C VAL B 238 11.38 -28.66 -24.23
N GLN B 239 11.15 -29.93 -24.55
CA GLN B 239 11.69 -30.50 -25.78
C GLN B 239 11.05 -29.90 -27.03
N ILE B 240 9.78 -29.54 -26.95
CA ILE B 240 9.17 -28.82 -28.05
C ILE B 240 9.91 -27.51 -28.28
N TRP B 241 10.14 -26.76 -27.21
CA TRP B 241 10.83 -25.48 -27.34
C TRP B 241 12.23 -25.67 -27.91
N GLU B 242 12.98 -26.65 -27.38
CA GLU B 242 14.35 -26.87 -27.83
C GLU B 242 14.42 -27.23 -29.31
N LYS B 243 13.41 -27.95 -29.82
CA LYS B 243 13.36 -28.24 -31.26
C LYS B 243 12.97 -27.02 -32.08
N LEU B 244 12.10 -26.15 -31.52
CA LEU B 244 11.81 -24.89 -32.19
C LEU B 244 13.05 -24.01 -32.28
N THR B 245 13.87 -24.00 -31.24
CA THR B 245 15.01 -23.10 -31.20
C THR B 245 16.28 -23.72 -31.76
N GLY B 246 16.35 -25.05 -31.83
CA GLY B 246 17.59 -25.73 -32.13
C GLY B 246 18.64 -25.69 -31.04
N LYS B 247 18.33 -25.13 -29.87
CA LYS B 247 19.27 -25.03 -28.76
C LYS B 247 18.78 -25.85 -27.58
N GLU B 248 19.66 -26.67 -27.01
CA GLU B 248 19.37 -27.38 -25.78
C GLU B 248 19.52 -26.42 -24.61
N LEU B 249 18.59 -26.49 -23.66
CA LEU B 249 18.70 -25.70 -22.44
C LEU B 249 19.35 -26.52 -21.32
N GLU B 250 20.06 -25.82 -20.44
CA GLU B 250 20.62 -26.47 -19.26
C GLU B 250 19.53 -26.72 -18.24
N LYS B 251 19.31 -27.98 -17.90
CA LYS B 251 18.22 -28.41 -17.03
C LYS B 251 18.74 -28.72 -15.63
N THR B 252 18.06 -28.16 -14.63
CA THR B 252 18.31 -28.48 -13.22
C THR B 252 17.05 -29.14 -12.68
N ASN B 253 17.20 -30.35 -12.14
CA ASN B 253 16.08 -31.06 -11.54
C ASN B 253 15.94 -30.63 -10.09
N ILE B 254 14.72 -30.27 -9.70
CA ILE B 254 14.45 -29.81 -8.34
C ILE B 254 13.57 -30.84 -7.67
N ALA B 255 14.06 -31.42 -6.59
CA ALA B 255 13.31 -32.40 -5.83
C ALA B 255 12.19 -31.72 -5.04
N ALA B 256 11.15 -32.51 -4.73
CA ALA B 256 9.97 -32.00 -4.04
C ALA B 256 10.35 -31.18 -2.81
N GLN B 257 11.08 -31.77 -1.88
CA GLN B 257 11.32 -31.07 -0.64
C GLN B 257 12.22 -29.86 -0.83
N ASP B 258 13.00 -29.80 -1.89
CA ASP B 258 13.76 -28.58 -2.13
C ASP B 258 12.89 -27.51 -2.76
N PHE B 259 11.91 -27.93 -3.55
CA PHE B 259 10.97 -26.98 -4.14
C PHE B 259 10.12 -26.30 -3.07
N LEU B 260 9.69 -27.07 -2.07
CA LEU B 260 8.84 -26.60 -1.00
C LEU B 260 9.61 -26.03 0.20
N ALA B 261 10.94 -26.01 0.17
CA ALA B 261 11.72 -25.65 1.36
C ALA B 261 11.43 -24.21 1.79
N ASN B 262 11.08 -24.03 3.08
CA ASN B 262 10.85 -22.71 3.66
C ASN B 262 9.68 -21.98 3.01
N ILE B 263 8.72 -22.74 2.47
CA ILE B 263 7.56 -22.11 1.85
C ILE B 263 6.81 -21.23 2.86
N GLU B 264 6.76 -21.65 4.12
CA GLU B 264 6.03 -20.89 5.14
C GLU B 264 6.57 -19.46 5.32
N GLN B 265 7.74 -19.14 4.80
CA GLN B 265 8.34 -17.83 5.04
C GLN B 265 8.19 -16.86 3.87
N MET B 266 7.46 -17.24 2.85
CA MET B 266 7.34 -16.38 1.68
C MET B 266 5.99 -15.68 1.66
N GLU B 267 5.89 -14.70 0.75
CA GLU B 267 4.64 -13.96 0.62
C GLU B 267 3.51 -14.92 0.28
N ILE B 268 2.31 -14.59 0.75
CA ILE B 268 1.18 -15.49 0.57
C ILE B 268 0.86 -15.75 -0.89
N PRO B 269 0.86 -14.76 -1.79
CA PRO B 269 0.64 -15.09 -3.21
C PRO B 269 1.70 -16.04 -3.78
N HIS B 270 2.97 -15.87 -3.40
CA HIS B 270 3.98 -16.83 -3.83
C HIS B 270 3.76 -18.21 -3.22
N GLN B 271 3.39 -18.28 -1.92
CA GLN B 271 3.06 -19.58 -1.34
C GLN B 271 1.98 -20.29 -2.14
N ALA B 272 0.92 -19.57 -2.51
CA ALA B 272 -0.17 -20.22 -3.24
C ALA B 272 0.32 -20.69 -4.61
N GLY B 273 1.19 -19.90 -5.23
CA GLY B 273 1.76 -20.33 -6.51
C GLY B 273 2.52 -21.64 -6.37
N ILE B 274 3.36 -21.73 -5.35
CA ILE B 274 4.15 -22.94 -5.15
C ILE B 274 3.24 -24.13 -4.86
N GLY B 275 2.23 -23.93 -4.02
CA GLY B 275 1.27 -25.01 -3.78
C GLY B 275 0.60 -25.49 -5.05
N HIS B 276 0.13 -24.56 -5.88
CA HIS B 276 -0.50 -24.96 -7.15
C HIS B 276 0.51 -25.71 -8.02
N PHE B 277 1.71 -25.18 -8.14
CA PHE B 277 2.71 -25.82 -8.99
C PHE B 277 3.07 -27.20 -8.46
N TYR B 278 3.16 -27.35 -7.14
CA TYR B 278 3.40 -28.67 -6.56
C TYR B 278 2.32 -29.66 -6.97
N HIS B 279 1.05 -29.27 -6.84
CA HIS B 279 -0.03 -30.18 -7.18
C HIS B 279 -0.01 -30.56 -8.64
N ILE B 280 0.37 -29.62 -9.51
CA ILE B 280 0.32 -29.87 -10.94
C ILE B 280 1.51 -30.72 -11.37
N PHE B 281 2.73 -30.25 -11.07
CA PHE B 281 3.94 -30.86 -11.63
C PHE B 281 4.56 -31.95 -10.75
N TYR B 282 4.27 -32.00 -9.45
CA TYR B 282 4.78 -33.09 -8.61
C TYR B 282 3.72 -34.16 -8.33
N GLU B 283 2.48 -33.79 -8.01
CA GLU B 283 1.43 -34.79 -7.81
C GLU B 283 0.70 -35.21 -9.09
N GLY B 284 0.78 -34.42 -10.15
CA GLY B 284 0.03 -34.72 -11.38
C GLY B 284 -1.49 -34.63 -11.25
N CYS B 285 -1.99 -33.64 -10.52
CA CYS B 285 -3.43 -33.60 -10.25
C CYS B 285 -4.28 -33.46 -11.51
N LEU B 286 -3.71 -32.97 -12.61
CA LEU B 286 -4.50 -32.82 -13.82
C LEU B 286 -4.56 -34.10 -14.65
N THR B 287 -3.77 -35.12 -14.30
CA THR B 287 -3.74 -36.34 -15.09
C THR B 287 -3.74 -37.62 -14.24
N ASP B 288 -3.88 -37.52 -12.91
CA ASP B 288 -3.88 -38.70 -12.06
C ASP B 288 -5.23 -39.42 -12.04
N HIS B 289 -6.06 -39.16 -13.03
CA HIS B 289 -7.39 -39.74 -13.10
C HIS B 289 -7.88 -39.56 -14.53
N GLU B 290 -8.79 -40.43 -14.96
CA GLU B 290 -9.25 -40.43 -16.35
C GLU B 290 -10.64 -39.83 -16.45
N VAL B 291 -10.98 -39.40 -17.67
CA VAL B 291 -12.30 -38.83 -17.98
C VAL B 291 -12.79 -39.38 -19.32
N GLY B 292 -14.09 -39.64 -19.42
CA GLY B 292 -14.65 -40.17 -20.65
C GLY B 292 -14.82 -39.11 -21.73
N GLU B 293 -14.94 -39.59 -22.97
CA GLU B 293 -15.22 -38.68 -24.08
C GLU B 293 -16.53 -37.94 -23.86
N ASP B 294 -17.44 -38.55 -23.09
CA ASP B 294 -18.71 -37.96 -22.69
C ASP B 294 -18.56 -36.63 -21.96
N GLU B 295 -17.41 -36.39 -21.33
CA GLU B 295 -17.24 -35.27 -20.41
C GLU B 295 -15.91 -34.57 -20.63
N GLU B 296 -15.37 -34.64 -21.84
CA GLU B 296 -14.12 -33.99 -22.21
C GLU B 296 -14.39 -33.12 -23.43
N ALA B 297 -13.93 -31.86 -23.38
CA ALA B 297 -14.38 -30.86 -24.34
C ALA B 297 -13.87 -31.10 -25.76
N SER B 298 -12.66 -31.66 -25.92
CA SER B 298 -12.13 -31.80 -27.28
C SER B 298 -12.85 -32.91 -28.04
N SER B 299 -13.24 -33.98 -27.34
CA SER B 299 -14.11 -34.98 -27.95
C SER B 299 -15.55 -34.47 -28.06
N LEU B 300 -16.01 -33.71 -27.07
CA LEU B 300 -17.36 -33.15 -27.14
C LEU B 300 -17.52 -32.22 -28.35
N TYR B 301 -16.50 -31.41 -28.64
CA TYR B 301 -16.58 -30.35 -29.65
C TYR B 301 -15.41 -30.51 -30.63
N PRO B 302 -15.43 -31.59 -31.42
CA PRO B 302 -14.25 -31.91 -32.24
C PRO B 302 -14.01 -30.94 -33.39
N ASP B 303 -14.93 -30.02 -33.67
CA ASP B 303 -14.67 -29.04 -34.72
C ASP B 303 -13.73 -27.94 -34.26
N VAL B 304 -13.52 -27.79 -32.95
CA VAL B 304 -12.51 -26.89 -32.42
C VAL B 304 -11.14 -27.53 -32.68
N LYS B 305 -10.36 -26.93 -33.57
CA LYS B 305 -9.00 -27.40 -33.85
C LYS B 305 -8.11 -26.71 -32.83
N TYR B 306 -7.95 -27.34 -31.67
CA TYR B 306 -7.28 -26.66 -30.57
C TYR B 306 -5.80 -26.44 -30.93
N LYS B 307 -5.27 -25.32 -30.45
CA LYS B 307 -3.88 -25.00 -30.73
C LYS B 307 -2.96 -25.91 -29.92
N ARG B 308 -2.08 -26.63 -30.63
CA ARG B 308 -1.06 -27.46 -29.99
C ARG B 308 0.07 -26.58 -29.48
N MET B 309 0.85 -27.10 -28.54
CA MET B 309 1.82 -26.25 -27.87
C MET B 309 2.99 -25.87 -28.76
N ASP B 310 3.31 -26.66 -29.80
CA ASP B 310 4.40 -26.25 -30.68
C ASP B 310 4.01 -24.98 -31.43
N ASP B 311 2.78 -24.93 -31.96
CA ASP B 311 2.29 -23.69 -32.57
C ASP B 311 2.16 -22.58 -31.54
N TYR B 312 1.69 -22.90 -30.32
CA TYR B 312 1.60 -21.86 -29.29
C TYR B 312 2.95 -21.23 -29.03
N LEU B 313 3.98 -22.05 -28.86
CA LEU B 313 5.29 -21.55 -28.45
C LEU B 313 5.96 -20.72 -29.54
N ARG B 314 5.61 -20.91 -30.81
CA ARG B 314 6.24 -20.16 -31.91
C ARG B 314 6.06 -18.65 -31.75
N MET B 315 5.01 -18.21 -31.07
CA MET B 315 4.84 -16.79 -30.81
C MET B 315 5.99 -16.19 -30.04
N PHE B 316 6.82 -17.02 -29.38
CA PHE B 316 7.89 -16.53 -28.53
C PHE B 316 9.27 -16.51 -29.19
N LEU B 317 9.41 -17.10 -30.38
CA LEU B 317 10.69 -17.10 -31.10
C LEU B 317 11.06 -15.72 -31.65
N THR C 10 28.64 19.05 28.67
CA THR C 10 28.71 18.65 27.26
C THR C 10 27.35 18.84 26.57
N ARG C 11 27.37 19.38 25.36
CA ARG C 11 26.14 19.63 24.62
C ARG C 11 25.99 18.60 23.51
N VAL C 12 24.85 17.92 23.47
CA VAL C 12 24.64 16.79 22.56
C VAL C 12 23.35 17.00 21.79
N LEU C 13 23.44 16.91 20.47
CA LEU C 13 22.28 16.88 19.60
C LEU C 13 22.03 15.43 19.16
N VAL C 14 20.79 14.96 19.34
CA VAL C 14 20.38 13.63 18.91
C VAL C 14 19.53 13.78 17.66
N VAL C 15 19.94 13.12 16.58
CA VAL C 15 19.20 13.09 15.33
C VAL C 15 18.63 11.68 15.18
N GLY C 16 17.29 11.59 15.07
CA GLY C 16 16.62 10.30 15.13
C GLY C 16 16.06 10.06 16.51
N ALA C 17 15.60 11.15 17.14
CA ALA C 17 15.34 11.14 18.57
C ALA C 17 14.10 10.33 18.95
N THR C 18 13.19 10.07 18.02
CA THR C 18 12.04 9.21 18.29
C THR C 18 12.27 7.78 17.83
N GLY C 19 13.49 7.44 17.37
CA GLY C 19 13.79 6.10 16.93
C GLY C 19 13.83 5.10 18.06
N TYR C 20 13.98 3.82 17.70
CA TYR C 20 13.95 2.78 18.71
C TYR C 20 15.15 2.90 19.64
N ILE C 21 16.35 2.87 19.08
CA ILE C 21 17.52 3.13 19.92
C ILE C 21 17.69 4.62 20.16
N GLY C 22 17.19 5.47 19.26
CA GLY C 22 17.33 6.91 19.41
C GLY C 22 16.69 7.46 20.68
N LYS C 23 15.47 7.02 20.98
CA LYS C 23 14.77 7.58 22.15
C LYS C 23 15.43 7.11 23.44
N ARG C 24 16.05 5.95 23.45
CA ARG C 24 16.80 5.51 24.62
C ARG C 24 18.10 6.30 24.76
N ILE C 25 18.66 6.73 23.63
CA ILE C 25 19.85 7.55 23.67
C ILE C 25 19.53 8.90 24.30
N VAL C 26 18.42 9.51 23.87
CA VAL C 26 17.99 10.78 24.43
C VAL C 26 17.91 10.69 25.95
N ARG C 27 17.19 9.71 26.45
CA ARG C 27 17.01 9.64 27.90
C ARG C 27 18.33 9.37 28.61
N ALA C 28 19.21 8.58 27.99
CA ALA C 28 20.51 8.28 28.61
C ALA C 28 21.39 9.51 28.63
N CYS C 29 21.39 10.30 27.54
CA CYS C 29 22.12 11.56 27.56
C CYS C 29 21.61 12.48 28.67
N LEU C 30 20.28 12.62 28.76
CA LEU C 30 19.71 13.38 29.86
C LEU C 30 20.17 12.84 31.21
N ALA C 31 20.02 11.53 31.43
CA ALA C 31 20.40 10.94 32.70
C ALA C 31 21.90 11.11 32.97
N GLU C 32 22.72 11.07 31.94
CA GLU C 32 24.14 11.27 32.13
C GLU C 32 24.46 12.70 32.54
N GLY C 33 23.59 13.66 32.21
CA GLY C 33 23.80 15.04 32.55
C GLY C 33 24.25 15.94 31.42
N HIS C 34 24.15 15.48 30.17
CA HIS C 34 24.49 16.34 29.04
C HIS C 34 23.37 17.36 28.78
N GLU C 35 23.76 18.47 28.17
CA GLU C 35 22.79 19.40 27.59
C GLU C 35 22.31 18.79 26.29
N THR C 36 21.11 18.20 26.33
CA THR C 36 20.64 17.27 25.32
C THR C 36 19.62 17.97 24.43
N TYR C 37 19.98 18.11 23.15
CA TYR C 37 19.13 18.66 22.11
C TYR C 37 18.57 17.53 21.26
N VAL C 38 17.36 17.71 20.76
CA VAL C 38 16.72 16.71 19.92
C VAL C 38 16.18 17.39 18.68
N LEU C 39 16.48 16.82 17.53
CA LEU C 39 16.03 17.35 16.26
C LEU C 39 14.57 16.96 16.05
N GLN C 40 13.68 17.95 16.03
CA GLN C 40 12.26 17.76 15.73
C GLN C 40 12.00 18.14 14.27
N ARG C 41 11.90 17.13 13.42
CA ARG C 41 11.71 17.37 12.00
C ARG C 41 10.24 17.72 11.73
N PRO C 42 9.96 18.52 10.70
CA PRO C 42 8.58 19.01 10.51
C PRO C 42 7.69 17.90 9.98
N GLU C 43 6.50 18.25 9.48
CA GLU C 43 5.61 17.31 8.79
C GLU C 43 5.34 16.03 9.60
N ILE C 44 5.59 16.07 10.91
CA ILE C 44 4.93 15.17 11.84
C ILE C 44 3.46 15.56 11.85
N GLY C 45 2.67 14.94 10.99
CA GLY C 45 1.27 15.28 10.84
C GLY C 45 0.36 14.15 11.24
N LEU C 46 -0.16 14.20 12.46
CA LEU C 46 -1.01 13.20 13.09
C LEU C 46 -0.18 12.03 13.62
N GLU C 47 1.14 12.04 13.47
CA GLU C 47 1.93 11.00 14.12
C GLU C 47 2.04 11.37 15.60
N ILE C 48 0.96 11.09 16.31
CA ILE C 48 0.81 11.60 17.67
C ILE C 48 1.84 11.00 18.63
N GLU C 49 2.26 9.75 18.42
CA GLU C 49 3.25 9.15 19.30
C GLU C 49 4.58 9.89 19.20
N LYS C 50 4.98 10.29 17.99
CA LYS C 50 6.18 11.10 17.83
C LYS C 50 6.04 12.42 18.56
N VAL C 51 4.91 13.10 18.36
CA VAL C 51 4.70 14.41 18.98
C VAL C 51 4.82 14.29 20.50
N GLN C 52 4.22 13.25 21.08
CA GLN C 52 4.21 13.14 22.52
C GLN C 52 5.53 12.61 23.08
N LEU C 53 6.32 11.87 22.29
CA LEU C 53 7.68 11.56 22.73
C LEU C 53 8.52 12.82 22.83
N PHE C 54 8.38 13.73 21.87
CA PHE C 54 9.10 14.99 21.97
C PHE C 54 8.67 15.78 23.20
N LEU C 55 7.36 15.84 23.46
CA LEU C 55 6.92 16.50 24.70
C LEU C 55 7.57 15.86 25.91
N SER C 56 7.58 14.54 25.98
CA SER C 56 8.18 13.89 27.13
C SER C 56 9.68 14.16 27.22
N PHE C 57 10.35 14.34 26.06
CA PHE C 57 11.75 14.75 26.08
C PHE C 57 11.91 16.14 26.73
N LYS C 58 11.05 17.09 26.33
CA LYS C 58 11.08 18.43 26.93
C LYS C 58 10.91 18.35 28.44
N LYS C 59 9.92 17.59 28.90
CA LYS C 59 9.67 17.51 30.34
C LYS C 59 10.89 17.01 31.08
N LEU C 60 11.67 16.11 30.47
CA LEU C 60 12.93 15.64 31.05
C LEU C 60 14.06 16.65 30.94
N GLY C 61 13.88 17.76 30.23
CA GLY C 61 14.90 18.79 30.10
C GLY C 61 15.54 18.90 28.73
N ALA C 62 15.16 18.09 27.76
CA ALA C 62 15.73 18.24 26.42
C ALA C 62 15.20 19.51 25.75
N ARG C 63 16.01 20.05 24.85
CA ARG C 63 15.65 21.25 24.11
C ARG C 63 15.32 20.86 22.67
N ILE C 64 14.12 21.24 22.24
CA ILE C 64 13.71 21.06 20.86
C ILE C 64 14.57 21.93 19.97
N VAL C 65 15.04 21.38 18.87
CA VAL C 65 15.62 22.18 17.80
C VAL C 65 14.99 21.71 16.49
N GLU C 66 14.25 22.61 15.83
CA GLU C 66 13.58 22.27 14.58
C GLU C 66 14.58 22.25 13.44
N GLY C 67 14.40 21.27 12.55
CA GLY C 67 15.28 21.14 11.41
C GLY C 67 14.75 20.10 10.45
N SER C 68 15.28 20.14 9.22
CA SER C 68 14.81 19.26 8.16
C SER C 68 15.99 18.81 7.31
N PHE C 69 15.99 17.53 6.95
CA PHE C 69 17.03 17.01 6.07
C PHE C 69 16.94 17.56 4.65
N SER C 70 15.85 18.23 4.27
CA SER C 70 15.73 18.86 2.96
C SER C 70 15.98 20.37 3.00
N ASP C 71 16.42 20.89 4.14
CA ASP C 71 16.75 22.31 4.33
C ASP C 71 18.16 22.32 4.92
N HIS C 72 19.17 22.38 4.04
CA HIS C 72 20.54 22.14 4.49
C HIS C 72 20.99 23.15 5.54
N GLN C 73 20.48 24.38 5.48
CA GLN C 73 20.93 25.39 6.43
C GLN C 73 20.33 25.17 7.81
N SER C 74 19.17 24.51 7.88
CA SER C 74 18.60 24.15 9.18
C SER C 74 19.48 23.15 9.92
N LEU C 75 20.02 22.16 9.19
CA LEU C 75 20.97 21.23 9.80
C LEU C 75 22.20 21.96 10.34
N VAL C 76 22.76 22.88 9.53
CA VAL C 76 23.94 23.62 9.96
C VAL C 76 23.65 24.37 11.24
N SER C 77 22.55 25.13 11.26
CA SER C 77 22.15 25.82 12.49
C SER C 77 22.11 24.86 13.67
N ALA C 78 21.50 23.69 13.47
CA ALA C 78 21.28 22.77 14.58
C ALA C 78 22.60 22.27 15.15
N VAL C 79 23.45 21.68 14.31
CA VAL C 79 24.70 21.11 14.82
C VAL C 79 25.59 22.20 15.41
N LYS C 80 25.33 23.47 15.11
CA LYS C 80 26.19 24.52 15.64
C LYS C 80 25.83 24.90 17.07
N LEU C 81 24.66 24.48 17.57
CA LEU C 81 24.31 24.71 18.96
C LEU C 81 25.01 23.74 19.91
N VAL C 82 25.74 22.76 19.37
CA VAL C 82 26.09 21.54 20.11
C VAL C 82 27.56 21.19 19.93
N ASP C 83 28.09 20.40 20.87
CA ASP C 83 29.46 19.90 20.74
C ASP C 83 29.53 18.54 20.08
N VAL C 84 28.53 17.68 20.33
CA VAL C 84 28.54 16.29 19.92
C VAL C 84 27.20 15.95 19.31
N VAL C 85 27.20 15.42 18.08
CA VAL C 85 26.01 14.96 17.40
C VAL C 85 25.99 13.43 17.43
N VAL C 86 24.81 12.85 17.72
CA VAL C 86 24.62 11.41 17.70
C VAL C 86 23.46 11.12 16.76
N SER C 87 23.68 10.27 15.77
CA SER C 87 22.67 9.91 14.80
C SER C 87 22.17 8.50 15.10
N ALA C 88 20.85 8.36 15.16
CA ALA C 88 20.23 7.06 15.29
C ALA C 88 19.34 6.78 14.10
N MET C 89 19.78 7.20 12.92
CA MET C 89 19.04 7.00 11.68
C MET C 89 18.68 5.53 11.47
N SER C 90 17.52 5.31 10.83
CA SER C 90 17.04 3.94 10.65
C SER C 90 18.02 3.10 9.85
N GLY C 91 18.02 1.80 10.10
CA GLY C 91 18.92 0.93 9.37
C GLY C 91 18.52 -0.53 9.21
N VAL C 92 17.24 -0.84 9.43
CA VAL C 92 16.72 -2.20 9.36
C VAL C 92 15.68 -2.27 8.26
N HIS C 93 15.82 -3.25 7.35
CA HIS C 93 14.97 -3.29 6.16
C HIS C 93 13.49 -3.36 6.49
N PHE C 94 13.09 -4.15 7.50
CA PHE C 94 11.63 -4.28 7.69
C PHE C 94 11.01 -3.06 8.37
N ARG C 95 11.82 -2.06 8.75
CA ARG C 95 11.34 -0.82 9.36
C ARG C 95 11.54 0.38 8.47
N SER C 96 12.76 0.61 8.02
CA SER C 96 13.14 1.55 6.98
C SER C 96 14.66 1.63 7.07
N HIS C 97 15.34 1.93 5.95
CA HIS C 97 16.78 1.69 5.84
C HIS C 97 17.41 2.90 5.15
N ASN C 98 17.56 3.99 5.90
CA ASN C 98 17.89 5.30 5.35
C ASN C 98 19.25 5.78 5.81
N ILE C 99 20.19 4.85 6.00
CA ILE C 99 21.51 5.18 6.52
C ILE C 99 22.15 6.30 5.71
N LEU C 100 21.98 6.27 4.39
CA LEU C 100 22.67 7.22 3.52
C LEU C 100 22.14 8.64 3.68
N VAL C 101 20.92 8.81 4.19
CA VAL C 101 20.45 10.17 4.42
C VAL C 101 21.40 10.90 5.38
N GLN C 102 22.13 10.16 6.22
CA GLN C 102 23.06 10.80 7.16
C GLN C 102 24.10 11.65 6.44
N LEU C 103 24.41 11.34 5.16
CA LEU C 103 25.44 12.08 4.43
C LEU C 103 25.14 13.58 4.40
N LYS C 104 23.87 13.97 4.32
CA LYS C 104 23.51 15.38 4.35
C LYS C 104 23.90 16.02 5.69
N LEU C 105 23.79 15.25 6.77
CA LEU C 105 24.18 15.74 8.09
C LEU C 105 25.69 15.73 8.28
N VAL C 106 26.38 14.79 7.63
CA VAL C 106 27.84 14.89 7.53
C VAL C 106 28.21 16.16 6.77
N GLU C 107 27.56 16.39 5.62
CA GLU C 107 27.74 17.63 4.87
C GLU C 107 27.49 18.84 5.77
N ALA C 108 26.43 18.77 6.59
CA ALA C 108 26.07 19.91 7.43
C ALA C 108 27.02 20.07 8.61
N ILE C 109 27.53 18.97 9.17
CA ILE C 109 28.56 19.07 10.20
C ILE C 109 29.85 19.66 9.63
N LYS C 110 30.22 19.25 8.41
CA LYS C 110 31.45 19.73 7.78
C LYS C 110 31.42 21.23 7.59
N GLU C 111 30.27 21.76 7.17
CA GLU C 111 30.16 23.21 6.99
C GLU C 111 30.06 23.94 8.33
N ALA C 112 29.42 23.34 9.33
CA ALA C 112 29.34 23.99 10.64
C ALA C 112 30.73 24.27 11.19
N GLY C 113 31.57 23.24 11.28
CA GLY C 113 32.94 23.36 11.72
C GLY C 113 33.17 23.23 13.21
N ASN C 114 32.14 23.32 14.03
CA ASN C 114 32.33 23.35 15.47
C ASN C 114 32.22 21.98 16.13
N VAL C 115 31.84 20.94 15.41
CA VAL C 115 31.40 19.70 16.02
C VAL C 115 32.61 18.92 16.54
N LYS C 116 32.71 18.77 17.87
CA LYS C 116 33.83 18.08 18.52
C LYS C 116 33.83 16.56 18.23
N ARG C 117 32.66 15.96 18.05
CA ARG C 117 32.60 14.52 17.80
C ARG C 117 31.23 14.13 17.25
N PHE C 118 31.24 13.21 16.29
CA PHE C 118 30.03 12.74 15.63
C PHE C 118 29.96 11.22 15.71
N LEU C 119 28.85 10.70 16.22
CA LEU C 119 28.64 9.26 16.30
C LEU C 119 27.56 8.86 15.29
N PRO C 120 27.91 8.24 14.17
CA PRO C 120 26.91 7.89 13.17
C PRO C 120 26.13 6.65 13.60
N SER C 121 25.11 6.31 12.81
CA SER C 121 24.14 5.28 13.19
C SER C 121 24.71 3.91 12.86
N GLU C 122 25.34 3.27 13.85
CA GLU C 122 25.96 1.97 13.68
C GLU C 122 25.32 0.91 14.56
N PHE C 123 25.72 0.80 15.82
CA PHE C 123 25.09 0.05 16.91
C PHE C 123 24.79 -1.41 16.55
N GLY C 124 25.58 -2.00 15.68
CA GLY C 124 25.39 -3.39 15.31
C GLY C 124 26.65 -4.08 14.87
N MET C 125 26.56 -4.88 13.83
CA MET C 125 27.75 -5.54 13.32
C MET C 125 28.75 -4.49 12.85
N ASP C 126 30.03 -4.78 13.06
CA ASP C 126 31.16 -3.91 12.75
C ASP C 126 31.32 -3.84 11.24
N PRO C 127 30.91 -2.74 10.61
CA PRO C 127 30.71 -2.75 9.14
C PRO C 127 31.94 -3.19 8.37
N PRO C 128 33.13 -2.64 8.67
CA PRO C 128 34.29 -3.01 7.84
C PRO C 128 34.70 -4.48 7.98
N ARG C 129 34.17 -5.19 8.97
CA ARG C 129 34.41 -6.63 9.08
C ARG C 129 33.48 -7.47 8.20
N MET C 130 32.45 -6.86 7.59
CA MET C 130 31.41 -7.62 6.90
C MET C 130 31.53 -7.56 5.38
N GLY C 131 32.76 -7.41 4.86
CA GLY C 131 32.96 -7.25 3.42
C GLY C 131 32.47 -8.41 2.57
N HIS C 132 32.20 -9.56 3.18
CA HIS C 132 31.81 -10.77 2.47
C HIS C 132 30.32 -11.00 2.43
N ALA C 133 29.51 -10.08 2.97
CA ALA C 133 28.07 -10.29 2.96
C ALA C 133 27.49 -10.13 1.55
N LEU C 134 26.23 -10.79 1.32
CA LEU C 134 25.46 -10.76 0.08
C LEU C 134 24.28 -9.81 0.22
N PRO C 135 23.81 -9.21 -0.89
CA PRO C 135 22.59 -8.41 -0.82
C PRO C 135 21.39 -9.26 -0.40
N PRO C 136 20.34 -8.63 0.15
CA PRO C 136 20.23 -7.20 0.45
C PRO C 136 20.91 -6.80 1.76
N GLY C 137 21.10 -7.76 2.65
CA GLY C 137 21.65 -7.44 3.95
C GLY C 137 22.96 -6.68 3.86
N ARG C 138 23.69 -6.89 2.78
CA ARG C 138 24.97 -6.20 2.59
C ARG C 138 24.77 -4.69 2.51
N GLU C 139 23.60 -4.23 2.06
CA GLU C 139 23.33 -2.80 1.96
C GLU C 139 23.58 -2.07 3.27
N THR C 140 23.29 -2.73 4.40
CA THR C 140 23.50 -2.10 5.68
C THR C 140 24.97 -1.76 5.91
N PHE C 141 25.86 -2.68 5.56
CA PHE C 141 27.28 -2.47 5.79
C PHE C 141 27.90 -1.54 4.76
N ASP C 142 27.50 -1.69 3.48
CA ASP C 142 27.90 -0.74 2.44
C ASP C 142 27.59 0.70 2.85
N GLN C 143 26.31 0.97 3.16
CA GLN C 143 25.91 2.35 3.44
C GLN C 143 26.59 2.90 4.68
N LYS C 144 26.69 2.09 5.75
CA LYS C 144 27.43 2.54 6.92
C LYS C 144 28.89 2.82 6.59
N MET C 145 29.50 2.02 5.72
CA MET C 145 30.88 2.28 5.32
C MET C 145 31.00 3.58 4.55
N GLU C 146 30.07 3.85 3.63
CA GLU C 146 30.13 5.09 2.85
C GLU C 146 29.95 6.30 3.75
N VAL C 147 29.11 6.19 4.78
CA VAL C 147 28.99 7.24 5.79
C VAL C 147 30.33 7.42 6.51
N ARG C 148 30.97 6.32 6.88
CA ARG C 148 32.31 6.42 7.47
C ARG C 148 33.29 7.13 6.54
N GLN C 149 33.19 6.85 5.24
CA GLN C 149 34.05 7.52 4.26
C GLN C 149 33.90 9.03 4.35
N ALA C 150 32.66 9.52 4.29
CA ALA C 150 32.42 10.96 4.30
C ALA C 150 32.85 11.59 5.63
N ILE C 151 32.67 10.87 6.74
CA ILE C 151 33.10 11.43 8.03
C ILE C 151 34.62 11.64 8.03
N GLU C 152 35.38 10.67 7.53
CA GLU C 152 36.82 10.77 7.54
C GLU C 152 37.34 11.62 6.38
N ALA C 153 36.70 11.50 5.21
CA ALA C 153 37.03 12.38 4.08
C ALA C 153 36.68 13.83 4.36
N ALA C 154 36.04 14.13 5.49
CA ALA C 154 35.76 15.50 5.88
C ALA C 154 36.40 15.85 7.21
N GLY C 155 37.11 14.91 7.84
CA GLY C 155 37.90 15.18 9.02
C GLY C 155 37.13 15.30 10.32
N ILE C 156 35.84 14.97 10.34
CA ILE C 156 35.07 15.04 11.58
C ILE C 156 35.57 13.96 12.55
N PRO C 157 35.80 14.27 13.81
CA PRO C 157 36.17 13.24 14.78
C PRO C 157 34.95 12.44 15.20
N TYR C 158 35.19 11.16 15.47
CA TYR C 158 34.13 10.16 15.48
C TYR C 158 34.30 9.21 16.66
N THR C 159 33.25 8.44 16.92
CA THR C 159 33.33 7.19 17.67
C THR C 159 32.31 6.23 17.07
N TYR C 160 32.75 5.02 16.72
CA TYR C 160 31.88 4.00 16.15
C TYR C 160 31.46 3.02 17.24
N VAL C 161 30.16 2.92 17.50
CA VAL C 161 29.61 2.05 18.53
C VAL C 161 29.04 0.81 17.85
N VAL C 162 29.65 -0.36 18.12
CA VAL C 162 29.34 -1.61 17.42
C VAL C 162 29.41 -2.80 18.38
N GLY C 163 28.95 -3.94 17.88
CA GLY C 163 29.34 -5.24 18.41
C GLY C 163 28.30 -6.04 19.18
N ALA C 164 27.07 -5.54 19.39
CA ALA C 164 26.10 -6.31 20.17
C ALA C 164 24.74 -6.44 19.46
N CYS C 165 24.09 -7.61 19.65
CA CYS C 165 22.67 -7.80 19.33
C CYS C 165 21.81 -7.05 20.34
N PHE C 166 20.84 -6.27 19.85
CA PHE C 166 19.81 -5.72 20.72
C PHE C 166 19.05 -6.87 21.37
N ALA C 167 18.92 -6.84 22.69
CA ALA C 167 18.30 -7.97 23.37
C ALA C 167 16.90 -8.23 22.85
N ALA C 168 16.12 -7.18 22.54
CA ALA C 168 14.72 -7.38 22.21
C ALA C 168 14.57 -8.22 20.96
N TYR C 169 15.49 -8.10 20.03
CA TYR C 169 15.38 -8.76 18.73
C TYR C 169 16.04 -10.13 18.67
N PHE C 170 16.94 -10.43 19.61
CA PHE C 170 17.64 -11.71 19.60
C PHE C 170 17.56 -12.50 20.90
N ALA C 171 17.23 -11.86 22.02
CA ALA C 171 17.23 -12.56 23.30
C ALA C 171 15.83 -12.89 23.78
N GLY C 172 14.94 -11.90 23.82
CA GLY C 172 13.58 -12.14 24.31
C GLY C 172 12.83 -13.22 23.55
N ASN C 173 13.21 -13.47 22.29
CA ASN C 173 12.59 -14.46 21.43
C ASN C 173 13.41 -15.74 21.31
N LEU C 174 14.43 -15.91 22.15
CA LEU C 174 15.33 -17.05 22.01
C LEU C 174 15.87 -17.12 20.59
N SER C 175 16.05 -15.93 19.98
CA SER C 175 16.56 -15.73 18.63
C SER C 175 15.66 -16.32 17.54
N GLN C 176 14.40 -16.60 17.85
CA GLN C 176 13.48 -17.05 16.79
C GLN C 176 13.09 -15.86 15.89
N MET C 177 12.97 -16.12 14.59
CA MET C 177 12.66 -15.01 13.68
C MET C 177 11.16 -14.75 13.61
N VAL C 178 10.82 -13.52 13.22
CA VAL C 178 9.46 -13.02 13.06
C VAL C 178 8.64 -13.14 14.34
N THR C 179 9.31 -13.19 15.50
CA THR C 179 8.62 -13.07 16.78
C THR C 179 9.53 -12.34 17.74
N LEU C 180 8.91 -11.77 18.78
CA LEU C 180 9.64 -11.05 19.84
C LEU C 180 9.35 -11.62 21.23
N LEU C 181 8.81 -12.83 21.32
CA LEU C 181 8.52 -13.41 22.62
C LEU C 181 9.02 -14.85 22.63
N PRO C 182 9.35 -15.40 23.80
CA PRO C 182 9.89 -16.77 23.82
C PRO C 182 8.86 -17.75 23.29
N PRO C 183 9.30 -18.78 22.57
CA PRO C 183 8.37 -19.80 22.08
C PRO C 183 7.92 -20.69 23.23
N LYS C 184 6.72 -21.27 23.08
CA LYS C 184 6.06 -21.94 24.21
C LYS C 184 6.55 -23.38 24.42
N GLU C 185 6.88 -24.10 23.34
CA GLU C 185 7.25 -25.50 23.49
C GLU C 185 8.33 -25.99 22.54
N LYS C 186 8.56 -25.31 21.42
CA LYS C 186 9.54 -25.73 20.44
C LYS C 186 10.45 -24.55 20.15
N VAL C 187 11.73 -24.83 19.86
CA VAL C 187 12.64 -23.78 19.44
C VAL C 187 13.55 -24.31 18.34
N ASN C 188 13.89 -23.45 17.41
CA ASN C 188 14.82 -23.78 16.34
C ASN C 188 16.22 -23.36 16.76
N ILE C 189 17.16 -24.29 16.72
CA ILE C 189 18.56 -24.02 17.04
C ILE C 189 19.32 -23.91 15.73
N TYR C 190 20.11 -22.84 15.58
CA TYR C 190 20.87 -22.63 14.35
C TYR C 190 22.17 -23.43 14.43
N GLY C 191 22.39 -24.31 13.45
CA GLY C 191 23.51 -25.23 13.55
C GLY C 191 23.42 -26.04 14.84
N ASP C 192 24.55 -26.23 15.49
CA ASP C 192 24.49 -26.95 16.76
C ASP C 192 24.21 -26.03 17.93
N GLY C 193 24.01 -24.74 17.69
CA GLY C 193 23.74 -23.82 18.77
C GLY C 193 24.94 -23.56 19.67
N ASN C 194 26.16 -23.80 19.17
CA ASN C 194 27.37 -23.61 19.96
C ASN C 194 28.20 -22.43 19.46
N VAL C 195 27.58 -21.43 18.85
CA VAL C 195 28.30 -20.27 18.34
C VAL C 195 28.04 -19.09 19.25
N LYS C 196 29.11 -18.52 19.81
CA LYS C 196 28.97 -17.43 20.77
C LYS C 196 28.38 -16.19 20.10
N VAL C 197 27.36 -15.62 20.72
CA VAL C 197 26.75 -14.39 20.26
C VAL C 197 26.84 -13.37 21.40
N VAL C 198 26.87 -12.09 21.02
CA VAL C 198 26.93 -10.98 21.97
C VAL C 198 25.55 -10.36 22.11
N PHE C 199 25.02 -10.37 23.34
CA PHE C 199 23.70 -9.83 23.66
C PHE C 199 23.82 -8.60 24.56
N ALA C 200 22.96 -7.60 24.33
CA ALA C 200 22.97 -6.40 25.14
C ALA C 200 21.61 -5.75 25.23
N ASP C 201 21.16 -5.52 26.46
CA ASP C 201 19.99 -4.69 26.71
C ASP C 201 20.19 -3.30 26.11
N GLU C 202 19.17 -2.84 25.38
CA GLU C 202 19.30 -1.61 24.61
C GLU C 202 19.44 -0.38 25.50
N ASP C 203 18.94 -0.44 26.73
CA ASP C 203 19.15 0.68 27.63
C ASP C 203 20.60 0.75 28.09
N ASP C 204 21.25 -0.39 28.22
CA ASP C 204 22.69 -0.39 28.47
C ASP C 204 23.44 0.11 27.23
N ILE C 205 23.00 -0.24 26.01
CA ILE C 205 23.65 0.33 24.83
C ILE C 205 23.55 1.86 24.85
N ALA C 206 22.37 2.37 25.22
CA ALA C 206 22.20 3.83 25.27
C ALA C 206 23.09 4.45 26.33
N LYS C 207 23.19 3.81 27.49
CA LYS C 207 23.98 4.37 28.58
C LYS C 207 25.47 4.34 28.25
N TYR C 208 25.94 3.28 27.58
CA TYR C 208 27.32 3.28 27.10
C TYR C 208 27.53 4.38 26.08
N THR C 209 26.54 4.61 25.20
CA THR C 209 26.66 5.66 24.19
C THR C 209 26.81 7.04 24.84
N ALA C 210 25.96 7.33 25.82
CA ALA C 210 26.02 8.61 26.51
C ALA C 210 27.34 8.78 27.27
N LYS C 211 27.89 7.70 27.84
CA LYS C 211 29.13 7.79 28.59
C LYS C 211 30.37 7.81 27.69
N THR C 212 30.25 7.37 26.44
CA THR C 212 31.44 7.27 25.59
C THR C 212 31.68 8.51 24.74
N LEU C 213 30.65 9.32 24.52
CA LEU C 213 30.67 10.37 23.50
C LEU C 213 31.49 11.60 23.92
N ASN C 214 31.83 11.74 25.20
CA ASN C 214 32.81 12.73 25.64
C ASN C 214 34.00 12.07 26.32
N ASP C 215 34.30 10.81 25.99
CA ASP C 215 35.41 10.09 26.61
C ASP C 215 36.64 10.23 25.72
N PRO C 216 37.72 10.85 26.21
CA PRO C 216 38.94 10.93 25.38
C PRO C 216 39.46 9.57 24.96
N ARG C 217 39.32 8.56 25.82
CA ARG C 217 39.77 7.21 25.49
C ARG C 217 39.15 6.68 24.20
N THR C 218 37.97 7.18 23.80
CA THR C 218 37.24 6.65 22.64
C THR C 218 37.19 7.62 21.48
N LEU C 219 37.83 8.78 21.60
CA LEU C 219 37.91 9.73 20.50
C LEU C 219 38.61 9.11 19.30
N ASN C 220 37.93 9.15 18.14
CA ASN C 220 38.45 8.57 16.89
C ASN C 220 38.72 7.07 17.02
N LYS C 221 37.78 6.38 17.65
CA LYS C 221 37.89 4.95 17.94
C LYS C 221 36.60 4.22 17.59
N THR C 222 36.73 2.91 17.42
CA THR C 222 35.61 1.99 17.47
C THR C 222 35.52 1.43 18.89
N VAL C 223 34.35 1.57 19.51
CA VAL C 223 34.14 1.08 20.87
C VAL C 223 33.20 -0.11 20.79
N ASN C 224 33.57 -1.20 21.47
CA ASN C 224 32.87 -2.47 21.37
C ASN C 224 32.01 -2.68 22.60
N ILE C 225 30.75 -3.00 22.38
CA ILE C 225 29.84 -3.36 23.46
C ILE C 225 29.87 -4.89 23.53
N ARG C 226 30.72 -5.43 24.40
CA ARG C 226 30.83 -6.87 24.55
C ARG C 226 30.92 -7.25 26.01
N PRO C 227 29.83 -7.06 26.75
CA PRO C 227 29.81 -7.43 28.16
C PRO C 227 30.03 -8.93 28.31
N PRO C 228 31.03 -9.34 29.10
CA PRO C 228 31.43 -10.76 29.12
C PRO C 228 30.35 -11.72 29.57
N ASP C 229 29.53 -11.37 30.57
CA ASP C 229 28.53 -12.34 30.98
C ASP C 229 27.43 -12.51 29.94
N ASN C 230 27.42 -11.66 28.91
CA ASN C 230 26.40 -11.65 27.87
C ASN C 230 26.91 -12.20 26.55
N VAL C 231 28.10 -12.81 26.54
CA VAL C 231 28.59 -13.53 25.38
C VAL C 231 28.16 -14.97 25.56
N LEU C 232 27.16 -15.39 24.78
CA LEU C 232 26.46 -16.67 24.97
C LEU C 232 26.21 -17.31 23.63
N THR C 233 26.19 -18.65 23.61
CA THR C 233 25.67 -19.33 22.43
C THR C 233 24.15 -19.42 22.53
N GLN C 234 23.51 -19.68 21.39
CA GLN C 234 22.06 -19.71 21.40
C GLN C 234 21.57 -20.80 22.36
N LEU C 235 22.29 -21.92 22.42
CA LEU C 235 21.91 -23.01 23.31
C LEU C 235 22.01 -22.58 24.78
N GLU C 236 23.06 -21.84 25.14
CA GLU C 236 23.15 -21.32 26.51
C GLU C 236 22.00 -20.36 26.80
N LEU C 237 21.66 -19.52 25.82
CA LEU C 237 20.52 -18.62 25.98
C LEU C 237 19.25 -19.40 26.25
N VAL C 238 19.00 -20.44 25.44
CA VAL C 238 17.82 -21.27 25.62
C VAL C 238 17.85 -21.93 27.01
N GLN C 239 19.03 -22.40 27.43
CA GLN C 239 19.17 -23.02 28.75
C GLN C 239 18.84 -22.05 29.87
N ILE C 240 19.21 -20.78 29.72
CA ILE C 240 18.84 -19.80 30.74
C ILE C 240 17.33 -19.75 30.88
N TRP C 241 16.62 -19.76 29.75
CA TRP C 241 15.17 -19.62 29.83
C TRP C 241 14.50 -20.90 30.35
N GLU C 242 14.95 -22.07 29.91
CA GLU C 242 14.46 -23.33 30.49
C GLU C 242 14.60 -23.32 32.01
N LYS C 243 15.75 -22.84 32.50
CA LYS C 243 15.98 -22.80 33.94
C LYS C 243 15.10 -21.78 34.65
N LEU C 244 14.70 -20.70 33.97
CA LEU C 244 13.77 -19.74 34.57
C LEU C 244 12.36 -20.27 34.61
N THR C 245 11.96 -21.06 33.61
CA THR C 245 10.59 -21.55 33.51
C THR C 245 10.40 -22.94 34.06
N GLY C 246 11.50 -23.69 34.25
CA GLY C 246 11.40 -25.09 34.60
C GLY C 246 10.80 -25.99 33.53
N LYS C 247 10.71 -25.52 32.28
CA LYS C 247 10.17 -26.31 31.17
C LYS C 247 11.24 -26.46 30.09
N GLU C 248 11.65 -27.68 29.85
CA GLU C 248 12.60 -27.95 28.79
C GLU C 248 11.90 -27.84 27.44
N LEU C 249 12.55 -27.16 26.48
CA LEU C 249 11.97 -26.93 25.17
C LEU C 249 12.45 -27.97 24.16
N GLU C 250 11.55 -28.34 23.24
CA GLU C 250 11.91 -29.24 22.14
C GLU C 250 12.78 -28.49 21.12
N LYS C 251 13.99 -28.99 20.88
CA LYS C 251 14.96 -28.30 20.04
C LYS C 251 15.11 -29.01 18.70
N THR C 252 15.02 -28.23 17.61
CA THR C 252 15.32 -28.70 16.27
C THR C 252 16.50 -27.90 15.72
N ASN C 253 17.54 -28.60 15.25
CA ASN C 253 18.73 -27.94 14.72
C ASN C 253 18.60 -27.74 13.22
N ILE C 254 18.80 -26.51 12.77
CA ILE C 254 18.67 -26.17 11.36
C ILE C 254 20.06 -26.01 10.77
N ALA C 255 20.37 -26.81 9.74
CA ALA C 255 21.67 -26.74 9.11
C ALA C 255 21.73 -25.53 8.19
N ALA C 256 22.96 -25.03 7.97
CA ALA C 256 23.13 -23.80 7.22
C ALA C 256 22.31 -23.79 5.93
N GLN C 257 22.41 -24.84 5.12
CA GLN C 257 21.79 -24.80 3.79
C GLN C 257 20.27 -24.89 3.87
N ASP C 258 19.72 -25.46 4.94
CA ASP C 258 18.27 -25.49 5.07
C ASP C 258 17.74 -24.14 5.54
N PHE C 259 18.48 -23.48 6.42
CA PHE C 259 18.14 -22.13 6.85
C PHE C 259 18.06 -21.17 5.66
N LEU C 260 19.01 -21.26 4.73
CA LEU C 260 19.13 -20.37 3.58
C LEU C 260 18.33 -20.83 2.37
N ALA C 261 17.69 -21.99 2.43
CA ALA C 261 17.01 -22.55 1.26
C ALA C 261 15.95 -21.60 0.69
N ASN C 262 16.03 -21.35 -0.62
CA ASN C 262 15.01 -20.55 -1.33
C ASN C 262 14.96 -19.11 -0.80
N ILE C 263 16.06 -18.63 -0.24
CA ILE C 263 16.09 -17.25 0.25
C ILE C 263 15.78 -16.27 -0.88
N GLU C 264 16.24 -16.57 -2.09
CA GLU C 264 16.07 -15.62 -3.18
C GLU C 264 14.61 -15.43 -3.56
N GLN C 265 13.73 -16.32 -3.13
CA GLN C 265 12.32 -16.20 -3.42
C GLN C 265 11.56 -15.43 -2.36
N MET C 266 12.24 -14.90 -1.36
CA MET C 266 11.55 -14.28 -0.25
C MET C 266 11.60 -12.76 -0.33
N GLU C 267 10.73 -12.12 0.45
CA GLU C 267 10.68 -10.67 0.47
C GLU C 267 12.04 -10.12 0.87
N ILE C 268 12.39 -8.98 0.27
CA ILE C 268 13.70 -8.40 0.53
C ILE C 268 13.94 -8.16 2.01
N PRO C 269 13.03 -7.54 2.77
CA PRO C 269 13.32 -7.34 4.20
C PRO C 269 13.59 -8.65 4.93
N HIS C 270 12.87 -9.72 4.56
CA HIS C 270 13.10 -11.02 5.19
C HIS C 270 14.42 -11.64 4.71
N GLN C 271 14.74 -11.52 3.42
CA GLN C 271 16.07 -11.93 2.96
C GLN C 271 17.16 -11.27 3.80
N ALA C 272 17.01 -9.98 4.06
CA ALA C 272 18.01 -9.26 4.85
C ALA C 272 18.12 -9.84 6.26
N GLY C 273 16.98 -10.15 6.88
CA GLY C 273 17.03 -10.70 8.23
C GLY C 273 17.73 -12.04 8.28
N ILE C 274 17.41 -12.91 7.34
CA ILE C 274 18.09 -14.21 7.26
C ILE C 274 19.59 -14.02 7.07
N GLY C 275 20.00 -13.08 6.20
CA GLY C 275 21.42 -12.83 6.01
C GLY C 275 22.10 -12.37 7.30
N HIS C 276 21.44 -11.49 8.04
CA HIS C 276 22.01 -11.05 9.30
C HIS C 276 22.03 -12.19 10.31
N PHE C 277 20.92 -12.92 10.45
CA PHE C 277 20.96 -14.07 11.35
C PHE C 277 22.06 -15.05 10.94
N TYR C 278 22.31 -15.21 9.64
CA TYR C 278 23.34 -16.16 9.21
C TYR C 278 24.72 -15.72 9.68
N HIS C 279 25.07 -14.45 9.46
CA HIS C 279 26.39 -13.98 9.91
C HIS C 279 26.51 -14.09 11.42
N ILE C 280 25.47 -13.73 12.16
CA ILE C 280 25.55 -13.72 13.62
C ILE C 280 25.68 -15.14 14.15
N PHE C 281 24.74 -16.02 13.78
CA PHE C 281 24.59 -17.30 14.47
C PHE C 281 25.34 -18.45 13.81
N TYR C 282 25.47 -18.44 12.47
CA TYR C 282 26.26 -19.45 11.78
C TYR C 282 27.72 -19.04 11.65
N GLU C 283 27.99 -17.82 11.19
CA GLU C 283 29.37 -17.42 11.03
C GLU C 283 30.00 -16.98 12.34
N GLY C 284 29.19 -16.51 13.30
CA GLY C 284 29.71 -16.02 14.57
C GLY C 284 30.44 -14.70 14.47
N CYS C 285 29.95 -13.78 13.62
CA CYS C 285 30.70 -12.57 13.29
C CYS C 285 30.90 -11.65 14.49
N LEU C 286 30.13 -11.80 15.57
CA LEU C 286 30.27 -10.91 16.72
C LEU C 286 31.37 -11.35 17.68
N THR C 287 31.85 -12.57 17.56
CA THR C 287 32.83 -13.10 18.51
C THR C 287 34.01 -13.79 17.83
N ASP C 288 34.19 -13.60 16.52
CA ASP C 288 35.27 -14.24 15.79
C ASP C 288 36.58 -13.45 15.90
N HIS C 289 36.68 -12.57 16.89
CA HIS C 289 37.91 -11.80 17.09
C HIS C 289 37.92 -11.33 18.54
N GLU C 290 39.11 -10.92 18.99
CA GLU C 290 39.28 -10.47 20.36
C GLU C 290 39.51 -8.95 20.39
N VAL C 291 38.89 -8.28 21.37
CA VAL C 291 39.02 -6.84 21.53
C VAL C 291 39.67 -6.58 22.89
N GLY C 292 40.47 -5.51 22.94
CA GLY C 292 41.09 -5.12 24.19
C GLY C 292 40.09 -4.51 25.16
N GLU C 293 40.43 -4.58 26.45
CA GLU C 293 39.54 -4.01 27.46
C GLU C 293 39.45 -2.49 27.35
N ASP C 294 40.53 -1.83 26.91
CA ASP C 294 40.52 -0.38 26.70
C ASP C 294 39.67 0.06 25.49
N GLU C 295 39.10 -0.86 24.72
CA GLU C 295 38.15 -0.51 23.66
C GLU C 295 36.87 -1.34 23.77
N GLU C 296 36.52 -1.78 24.97
CA GLU C 296 35.29 -2.52 25.21
C GLU C 296 34.48 -1.79 26.27
N ALA C 297 33.21 -1.53 25.95
CA ALA C 297 32.41 -0.60 26.72
C ALA C 297 32.34 -0.98 28.20
N SER C 298 32.03 -2.24 28.52
CA SER C 298 31.78 -2.61 29.93
C SER C 298 33.04 -2.44 30.76
N SER C 299 34.20 -2.80 30.22
CA SER C 299 35.47 -2.51 30.89
C SER C 299 35.72 -1.01 30.99
N LEU C 300 35.37 -0.26 29.94
CA LEU C 300 35.60 1.18 29.94
C LEU C 300 34.75 1.89 30.98
N TYR C 301 33.51 1.45 31.18
CA TYR C 301 32.53 2.14 32.01
C TYR C 301 32.04 1.15 33.07
N PRO C 302 32.93 0.81 34.00
CA PRO C 302 32.59 -0.12 35.10
C PRO C 302 31.29 0.19 35.82
N ASP C 303 31.00 1.47 36.07
CA ASP C 303 29.81 1.81 36.85
C ASP C 303 28.51 1.28 36.24
N VAL C 304 28.52 0.88 34.97
CA VAL C 304 27.32 0.42 34.28
C VAL C 304 27.14 -1.05 34.61
N LYS C 305 26.31 -1.35 35.59
CA LYS C 305 26.02 -2.74 35.92
C LYS C 305 25.05 -3.24 34.86
N TYR C 306 25.60 -3.71 33.75
CA TYR C 306 24.80 -4.09 32.61
C TYR C 306 23.86 -5.24 32.97
N LYS C 307 22.67 -5.22 32.37
CA LYS C 307 21.70 -6.27 32.63
C LYS C 307 22.17 -7.58 31.98
N ARG C 308 22.16 -8.65 32.75
CA ARG C 308 22.48 -9.96 32.21
C ARG C 308 21.24 -10.58 31.58
N MET C 309 21.46 -11.58 30.74
CA MET C 309 20.33 -12.10 29.99
C MET C 309 19.38 -12.92 30.85
N ASP C 310 19.84 -13.46 31.98
CA ASP C 310 18.89 -14.08 32.90
C ASP C 310 17.94 -13.03 33.46
N ASP C 311 18.46 -11.85 33.82
CA ASP C 311 17.54 -10.80 34.28
C ASP C 311 16.73 -10.23 33.13
N TYR C 312 17.30 -10.11 31.94
CA TYR C 312 16.51 -9.65 30.80
C TYR C 312 15.35 -10.60 30.55
N LEU C 313 15.63 -11.90 30.41
CA LEU C 313 14.58 -12.88 30.17
C LEU C 313 13.52 -12.89 31.27
N ARG C 314 13.88 -12.51 32.50
CA ARG C 314 12.91 -12.57 33.60
C ARG C 314 11.67 -11.73 33.32
N MET C 315 11.83 -10.61 32.60
CA MET C 315 10.68 -9.78 32.26
C MET C 315 9.60 -10.53 31.50
N PHE C 316 9.94 -11.65 30.89
CA PHE C 316 8.97 -12.38 30.07
C PHE C 316 8.24 -13.49 30.82
N LEU C 317 8.54 -13.73 32.10
CA LEU C 317 7.99 -14.89 32.80
C LEU C 317 6.51 -14.76 33.07
N LYS D 9 -10.17 -2.10 43.53
CA LYS D 9 -11.36 -2.57 44.20
C LYS D 9 -12.09 -3.67 43.41
N THR D 10 -11.51 -4.12 42.29
CA THR D 10 -12.22 -4.95 41.32
C THR D 10 -11.24 -5.51 40.28
N ARG D 11 -11.62 -6.65 39.67
CA ARG D 11 -10.83 -7.26 38.60
C ARG D 11 -11.27 -6.68 37.26
N VAL D 12 -10.30 -6.17 36.49
CA VAL D 12 -10.57 -5.44 35.25
C VAL D 12 -9.77 -6.06 34.13
N LEU D 13 -10.43 -6.33 32.98
CA LEU D 13 -9.75 -6.67 31.74
C LEU D 13 -9.84 -5.50 30.77
N VAL D 14 -8.68 -5.04 30.28
CA VAL D 14 -8.62 -4.04 29.23
C VAL D 14 -8.35 -4.74 27.91
N VAL D 15 -9.23 -4.52 26.94
CA VAL D 15 -9.07 -5.02 25.58
C VAL D 15 -8.76 -3.84 24.68
N GLY D 16 -7.63 -3.86 23.99
CA GLY D 16 -7.16 -2.65 23.35
C GLY D 16 -6.09 -1.99 24.21
N ALA D 17 -5.33 -2.82 24.92
CA ALA D 17 -4.42 -2.37 25.97
C ALA D 17 -3.21 -1.60 25.45
N THR D 18 -2.85 -1.75 24.18
CA THR D 18 -1.75 -0.96 23.61
C THR D 18 -2.26 0.23 22.83
N GLY D 19 -3.56 0.51 22.89
CA GLY D 19 -4.16 1.61 22.16
C GLY D 19 -3.78 2.93 22.76
N TYR D 20 -4.13 4.01 22.04
CA TYR D 20 -3.79 5.35 22.49
C TYR D 20 -4.48 5.66 23.82
N ILE D 21 -5.80 5.55 23.86
CA ILE D 21 -6.47 5.73 25.16
C ILE D 21 -6.41 4.45 25.98
N GLY D 22 -6.28 3.29 25.32
CA GLY D 22 -6.22 2.05 26.08
C GLY D 22 -4.99 1.91 26.97
N LYS D 23 -3.81 2.32 26.48
CA LYS D 23 -2.65 2.22 27.34
C LYS D 23 -2.81 3.14 28.55
N ARG D 24 -3.43 4.29 28.36
CA ARG D 24 -3.66 5.18 29.48
C ARG D 24 -4.70 4.63 30.44
N ILE D 25 -5.64 3.85 29.94
CA ILE D 25 -6.63 3.24 30.81
C ILE D 25 -6.01 2.12 31.63
N VAL D 26 -5.09 1.35 31.02
CA VAL D 26 -4.40 0.30 31.76
C VAL D 26 -3.70 0.89 32.98
N ARG D 27 -2.89 1.93 32.75
CA ARG D 27 -2.11 2.49 33.85
C ARG D 27 -3.00 3.16 34.90
N ALA D 28 -4.11 3.80 34.46
CA ALA D 28 -5.03 4.40 35.42
C ALA D 28 -5.72 3.35 36.27
N CYS D 29 -6.04 2.19 35.68
CA CYS D 29 -6.61 1.11 36.48
C CYS D 29 -5.60 0.62 37.51
N LEU D 30 -4.35 0.43 37.07
CA LEU D 30 -3.30 0.04 38.01
C LEU D 30 -3.16 1.06 39.13
N ALA D 31 -3.15 2.36 38.79
CA ALA D 31 -2.96 3.36 39.83
C ALA D 31 -4.13 3.38 40.78
N GLU D 32 -5.35 3.16 40.26
CA GLU D 32 -6.55 3.20 41.09
C GLU D 32 -6.61 2.03 42.07
N GLY D 33 -5.87 0.95 41.80
CA GLY D 33 -5.84 -0.20 42.67
C GLY D 33 -6.58 -1.41 42.14
N HIS D 34 -7.13 -1.35 40.92
CA HIS D 34 -7.79 -2.50 40.36
C HIS D 34 -6.78 -3.58 40.05
N GLU D 35 -7.20 -4.83 40.18
CA GLU D 35 -6.40 -5.97 39.73
C GLU D 35 -6.54 -6.01 38.22
N THR D 36 -5.51 -5.56 37.51
CA THR D 36 -5.65 -5.19 36.10
C THR D 36 -5.08 -6.28 35.19
N TYR D 37 -5.92 -6.74 34.28
CA TYR D 37 -5.59 -7.74 33.27
C TYR D 37 -5.62 -7.08 31.89
N VAL D 38 -4.70 -7.45 31.02
CA VAL D 38 -4.62 -6.89 29.69
C VAL D 38 -4.62 -8.02 28.67
N LEU D 39 -5.46 -7.88 27.64
CA LEU D 39 -5.52 -8.89 26.59
C LEU D 39 -4.33 -8.71 25.66
N GLN D 40 -3.51 -9.75 25.54
CA GLN D 40 -2.40 -9.76 24.61
C GLN D 40 -2.75 -10.68 23.44
N ARG D 41 -2.86 -10.09 22.19
CA ARG D 41 -3.36 -10.81 21.04
C ARG D 41 -2.21 -11.45 20.27
N PRO D 42 -2.49 -12.56 19.58
CA PRO D 42 -1.40 -13.47 19.19
C PRO D 42 -0.49 -12.96 18.07
N GLU D 43 -0.99 -12.18 17.12
CA GLU D 43 -0.22 -11.96 15.89
C GLU D 43 0.69 -10.74 15.94
N ILE D 44 1.00 -10.24 17.14
CA ILE D 44 1.93 -9.12 17.26
C ILE D 44 3.32 -9.72 17.13
N GLY D 45 3.81 -9.77 15.89
CA GLY D 45 4.97 -10.54 15.49
C GLY D 45 6.31 -9.81 15.45
N LEU D 46 6.35 -8.61 14.86
CA LEU D 46 7.52 -7.75 14.98
C LEU D 46 7.13 -6.33 15.41
N GLU D 47 5.94 -6.15 15.98
CA GLU D 47 5.54 -4.84 16.51
C GLU D 47 6.17 -4.64 17.89
N ILE D 48 7.44 -4.24 17.88
CA ILE D 48 8.21 -4.22 19.11
C ILE D 48 7.64 -3.23 20.13
N GLU D 49 7.05 -2.12 19.67
CA GLU D 49 6.46 -1.16 20.60
C GLU D 49 5.28 -1.77 21.35
N LYS D 50 4.47 -2.57 20.66
CA LYS D 50 3.38 -3.27 21.34
C LYS D 50 3.91 -4.23 22.39
N VAL D 51 4.90 -5.05 21.99
CA VAL D 51 5.47 -6.03 22.90
C VAL D 51 6.07 -5.35 24.13
N GLN D 52 6.86 -4.28 23.92
CA GLN D 52 7.49 -3.67 25.09
C GLN D 52 6.50 -2.92 25.97
N LEU D 53 5.38 -2.46 25.41
CA LEU D 53 4.34 -1.89 26.26
C LEU D 53 3.78 -2.94 27.21
N PHE D 54 3.54 -4.16 26.71
CA PHE D 54 3.04 -5.21 27.59
C PHE D 54 4.04 -5.50 28.70
N LEU D 55 5.34 -5.54 28.38
CA LEU D 55 6.34 -5.75 29.41
C LEU D 55 6.27 -4.64 30.46
N SER D 56 6.16 -3.39 30.01
CA SER D 56 6.08 -2.30 30.98
C SER D 56 4.83 -2.39 31.84
N PHE D 57 3.73 -2.92 31.31
CA PHE D 57 2.55 -3.13 32.15
C PHE D 57 2.81 -4.19 33.21
N LYS D 58 3.53 -5.27 32.86
CA LYS D 58 3.79 -6.33 33.81
C LYS D 58 4.62 -5.82 34.98
N LYS D 59 5.57 -4.93 34.69
CA LYS D 59 6.41 -4.37 35.73
C LYS D 59 5.58 -3.59 36.76
N LEU D 60 4.40 -3.11 36.38
CA LEU D 60 3.54 -2.38 37.29
C LEU D 60 2.43 -3.26 37.87
N GLY D 61 2.50 -4.58 37.69
CA GLY D 61 1.51 -5.47 38.29
C GLY D 61 0.37 -5.88 37.36
N ALA D 62 0.38 -5.46 36.11
CA ALA D 62 -0.64 -5.97 35.21
C ALA D 62 -0.39 -7.44 34.91
N ARG D 63 -1.47 -8.17 34.64
CA ARG D 63 -1.38 -9.59 34.30
C ARG D 63 -1.84 -9.81 32.85
N ILE D 64 -1.01 -10.52 32.10
CA ILE D 64 -1.22 -10.73 30.68
C ILE D 64 -2.20 -11.89 30.48
N VAL D 65 -3.25 -11.66 29.70
CA VAL D 65 -4.16 -12.71 29.26
C VAL D 65 -4.03 -12.84 27.75
N GLU D 66 -3.68 -14.04 27.28
CA GLU D 66 -3.61 -14.29 25.85
C GLU D 66 -5.00 -14.60 25.31
N GLY D 67 -5.37 -13.93 24.22
CA GLY D 67 -6.65 -14.18 23.58
C GLY D 67 -6.62 -13.65 22.17
N SER D 68 -7.58 -14.12 21.38
CA SER D 68 -7.70 -13.69 19.98
C SER D 68 -9.16 -13.48 19.63
N PHE D 69 -9.44 -12.42 18.88
CA PHE D 69 -10.81 -12.17 18.43
C PHE D 69 -11.28 -13.17 17.38
N SER D 70 -10.44 -14.09 16.92
CA SER D 70 -10.87 -15.19 16.08
C SER D 70 -11.00 -16.49 16.85
N ASP D 71 -10.67 -16.50 18.15
CA ASP D 71 -10.78 -17.68 19.00
C ASP D 71 -11.85 -17.38 20.06
N HIS D 72 -13.10 -17.63 19.71
CA HIS D 72 -14.22 -17.24 20.57
C HIS D 72 -14.08 -17.80 21.98
N GLN D 73 -13.53 -19.01 22.11
CA GLN D 73 -13.35 -19.58 23.44
C GLN D 73 -12.24 -18.87 24.20
N SER D 74 -11.19 -18.41 23.53
CA SER D 74 -10.14 -17.68 24.23
C SER D 74 -10.70 -16.42 24.88
N LEU D 75 -11.63 -15.76 24.20
CA LEU D 75 -12.24 -14.57 24.78
C LEU D 75 -13.12 -14.94 25.97
N VAL D 76 -13.91 -16.01 25.84
CA VAL D 76 -14.71 -16.46 26.96
C VAL D 76 -13.83 -16.75 28.17
N SER D 77 -12.72 -17.46 27.97
CA SER D 77 -11.79 -17.70 29.08
C SER D 77 -11.31 -16.39 29.68
N ALA D 78 -10.99 -15.42 28.84
CA ALA D 78 -10.40 -14.18 29.32
C ALA D 78 -11.38 -13.40 30.18
N VAL D 79 -12.58 -13.15 29.66
CA VAL D 79 -13.55 -12.37 30.41
C VAL D 79 -14.02 -13.09 31.68
N LYS D 80 -13.90 -14.42 31.73
CA LYS D 80 -14.28 -15.11 32.96
C LYS D 80 -13.32 -14.86 34.12
N LEU D 81 -12.13 -14.31 33.83
CA LEU D 81 -11.16 -14.01 34.88
C LEU D 81 -11.49 -12.74 35.66
N VAL D 82 -12.34 -11.86 35.12
CA VAL D 82 -12.49 -10.53 35.69
C VAL D 82 -13.95 -10.22 36.06
N ASP D 83 -14.17 -9.04 36.63
CA ASP D 83 -15.50 -8.53 36.93
C ASP D 83 -15.96 -7.46 35.96
N VAL D 84 -15.06 -6.63 35.44
CA VAL D 84 -15.41 -5.60 34.46
C VAL D 84 -14.47 -5.72 33.27
N VAL D 85 -15.00 -5.51 32.07
CA VAL D 85 -14.21 -5.38 30.85
C VAL D 85 -14.29 -3.94 30.37
N VAL D 86 -13.15 -3.38 29.98
CA VAL D 86 -13.14 -2.09 29.31
C VAL D 86 -12.55 -2.34 27.93
N SER D 87 -13.29 -1.95 26.91
CA SER D 87 -12.83 -2.04 25.52
C SER D 87 -12.34 -0.69 25.06
N ALA D 88 -11.12 -0.66 24.51
CA ALA D 88 -10.57 0.56 23.93
C ALA D 88 -10.36 0.42 22.43
N MET D 89 -11.23 -0.35 21.78
CA MET D 89 -11.07 -0.69 20.37
C MET D 89 -10.99 0.56 19.48
N SER D 90 -10.19 0.44 18.41
CA SER D 90 -9.94 1.57 17.52
C SER D 90 -11.24 2.14 16.98
N GLY D 91 -11.23 3.44 16.71
CA GLY D 91 -12.39 4.07 16.13
C GLY D 91 -12.14 5.40 15.46
N VAL D 92 -10.99 5.58 14.81
CA VAL D 92 -10.72 6.81 14.07
C VAL D 92 -10.24 6.44 12.67
N HIS D 93 -10.87 7.04 11.66
CA HIS D 93 -10.69 6.57 10.29
C HIS D 93 -9.22 6.64 9.84
N PHE D 94 -8.49 7.71 10.17
CA PHE D 94 -7.12 7.76 9.69
C PHE D 94 -6.18 6.86 10.49
N ARG D 95 -6.65 6.26 11.59
CA ARG D 95 -5.89 5.19 12.24
C ARG D 95 -6.49 3.85 11.82
N SER D 96 -7.50 3.36 12.53
CA SER D 96 -8.26 2.21 12.08
C SER D 96 -9.61 2.29 12.76
N HIS D 97 -10.59 1.54 12.22
CA HIS D 97 -11.98 1.77 12.60
C HIS D 97 -12.73 0.45 12.77
N ASN D 98 -12.44 -0.24 13.85
CA ASN D 98 -12.86 -1.62 13.99
C ASN D 98 -13.79 -1.82 15.18
N ILE D 99 -14.57 -0.77 15.50
CA ILE D 99 -15.59 -0.81 16.54
C ILE D 99 -16.40 -2.10 16.50
N LEU D 100 -16.81 -2.52 15.30
CA LEU D 100 -17.71 -3.65 15.17
C LEU D 100 -17.08 -4.96 15.62
N VAL D 101 -15.75 -5.07 15.60
CA VAL D 101 -15.13 -6.30 16.01
C VAL D 101 -15.40 -6.58 17.49
N GLN D 102 -15.83 -5.58 18.25
CA GLN D 102 -16.24 -5.79 19.63
C GLN D 102 -17.42 -6.74 19.75
N LEU D 103 -18.21 -6.89 18.68
CA LEU D 103 -19.37 -7.77 18.74
C LEU D 103 -18.96 -9.19 19.12
N LYS D 104 -17.79 -9.64 18.64
CA LYS D 104 -17.29 -10.93 19.09
C LYS D 104 -16.94 -10.89 20.58
N LEU D 105 -16.56 -9.71 21.10
CA LEU D 105 -16.32 -9.56 22.52
C LEU D 105 -17.63 -9.45 23.30
N VAL D 106 -18.65 -8.80 22.73
CA VAL D 106 -19.92 -8.78 23.42
C VAL D 106 -20.51 -10.18 23.50
N GLU D 107 -20.30 -11.01 22.46
CA GLU D 107 -20.83 -12.37 22.50
C GLU D 107 -20.07 -13.23 23.50
N ALA D 108 -18.75 -13.08 23.59
CA ALA D 108 -18.00 -13.85 24.58
C ALA D 108 -18.41 -13.50 26.00
N ILE D 109 -18.75 -12.23 26.26
CA ILE D 109 -19.20 -11.83 27.59
C ILE D 109 -20.55 -12.45 27.93
N LYS D 110 -21.50 -12.36 26.98
CA LYS D 110 -22.82 -12.94 27.22
C LYS D 110 -22.70 -14.42 27.56
N GLU D 111 -21.93 -15.17 26.78
CA GLU D 111 -21.77 -16.59 27.08
C GLU D 111 -21.15 -16.82 28.45
N ALA D 112 -20.18 -15.99 28.83
CA ALA D 112 -19.48 -16.19 30.09
C ALA D 112 -20.34 -15.84 31.30
N GLY D 113 -21.21 -14.82 31.18
CA GLY D 113 -22.23 -14.54 32.17
C GLY D 113 -21.74 -13.95 33.49
N ASN D 114 -20.45 -14.01 33.78
CA ASN D 114 -19.93 -13.53 35.06
C ASN D 114 -19.66 -12.03 35.08
N VAL D 115 -19.59 -11.38 33.92
CA VAL D 115 -19.11 -10.00 33.88
C VAL D 115 -20.13 -9.09 34.55
N LYS D 116 -19.67 -8.31 35.52
CA LYS D 116 -20.54 -7.38 36.22
C LYS D 116 -20.76 -6.08 35.46
N ARG D 117 -19.84 -5.71 34.57
CA ARG D 117 -20.02 -4.47 33.82
C ARG D 117 -19.09 -4.47 32.62
N PHE D 118 -19.53 -3.82 31.55
CA PHE D 118 -18.77 -3.71 30.32
C PHE D 118 -18.75 -2.25 29.90
N LEU D 119 -17.55 -1.70 29.68
CA LEU D 119 -17.40 -0.37 29.10
C LEU D 119 -16.93 -0.55 27.67
N PRO D 120 -17.81 -0.37 26.68
CA PRO D 120 -17.39 -0.41 25.28
C PRO D 120 -16.60 0.82 24.89
N SER D 121 -15.98 0.72 23.72
CA SER D 121 -15.10 1.76 23.19
C SER D 121 -15.94 2.90 22.66
N GLU D 122 -16.04 3.97 23.44
CA GLU D 122 -16.77 5.17 23.05
C GLU D 122 -15.87 6.39 23.15
N PHE D 123 -15.82 7.00 24.34
CA PHE D 123 -14.85 8.02 24.73
C PHE D 123 -14.89 9.26 23.84
N GLY D 124 -15.98 9.50 23.14
CA GLY D 124 -16.12 10.69 22.32
C GLY D 124 -17.51 11.23 22.32
N MET D 125 -17.96 11.67 21.16
CA MET D 125 -19.30 12.20 21.03
C MET D 125 -20.32 11.14 21.42
N ASP D 126 -21.45 11.59 21.96
CA ASP D 126 -22.49 10.70 22.45
C ASP D 126 -23.23 10.09 21.26
N PRO D 127 -23.08 8.80 20.99
CA PRO D 127 -23.51 8.25 19.68
C PRO D 127 -24.99 8.46 19.40
N PRO D 128 -25.89 8.11 20.33
CA PRO D 128 -27.33 8.23 20.00
C PRO D 128 -27.78 9.66 19.71
N ARG D 129 -26.98 10.66 20.04
CA ARG D 129 -27.33 12.03 19.72
C ARG D 129 -26.89 12.45 18.31
N MET D 130 -26.19 11.59 17.56
CA MET D 130 -25.57 11.97 16.30
C MET D 130 -26.25 11.32 15.08
N GLY D 131 -27.56 11.12 15.16
CA GLY D 131 -28.29 10.51 14.07
C GLY D 131 -28.33 11.32 12.79
N HIS D 132 -28.03 12.61 12.87
CA HIS D 132 -28.02 13.54 11.74
C HIS D 132 -26.69 13.57 11.00
N ALA D 133 -25.67 12.85 11.47
CA ALA D 133 -24.35 13.01 10.91
C ALA D 133 -24.29 12.49 9.47
N LEU D 134 -23.42 13.07 8.72
CA LEU D 134 -23.13 12.81 7.32
C LEU D 134 -22.09 11.69 7.16
N PRO D 135 -22.30 10.74 6.22
CA PRO D 135 -21.27 9.75 5.89
C PRO D 135 -20.02 10.45 5.36
N PRO D 136 -18.83 9.84 5.52
CA PRO D 136 -18.56 8.58 6.23
C PRO D 136 -18.38 8.75 7.76
N GLY D 137 -18.25 9.99 8.22
CA GLY D 137 -18.06 10.21 9.64
C GLY D 137 -19.06 9.47 10.50
N ARG D 138 -20.32 9.42 10.05
CA ARG D 138 -21.35 8.80 10.88
C ARG D 138 -21.18 7.29 11.00
N GLU D 139 -20.24 6.70 10.26
CA GLU D 139 -19.97 5.28 10.45
C GLU D 139 -19.65 4.98 11.91
N THR D 140 -18.99 5.92 12.59
CA THR D 140 -18.54 5.69 13.95
C THR D 140 -19.73 5.59 14.91
N PHE D 141 -20.70 6.49 14.76
CA PHE D 141 -21.88 6.45 15.63
C PHE D 141 -22.79 5.29 15.30
N ASP D 142 -22.96 4.97 14.02
CA ASP D 142 -23.76 3.80 13.69
C ASP D 142 -23.15 2.55 14.30
N GLN D 143 -21.83 2.35 14.13
CA GLN D 143 -21.17 1.16 14.61
C GLN D 143 -21.15 1.10 16.14
N LYS D 144 -20.93 2.23 16.80
CA LYS D 144 -21.00 2.26 18.26
C LYS D 144 -22.42 2.04 18.77
N MET D 145 -23.44 2.50 18.02
CA MET D 145 -24.82 2.19 18.38
C MET D 145 -25.11 0.70 18.24
N GLU D 146 -24.56 0.07 17.19
CA GLU D 146 -24.76 -1.37 17.01
C GLU D 146 -24.12 -2.16 18.14
N VAL D 147 -22.99 -1.68 18.67
CA VAL D 147 -22.39 -2.34 19.83
C VAL D 147 -23.30 -2.16 21.05
N ARG D 148 -23.71 -0.91 21.33
CA ARG D 148 -24.64 -0.68 22.44
C ARG D 148 -25.83 -1.61 22.36
N GLN D 149 -26.33 -1.85 21.13
CA GLN D 149 -27.49 -2.70 20.93
C GLN D 149 -27.17 -4.20 20.99
N ALA D 150 -25.94 -4.63 20.76
CA ALA D 150 -25.64 -6.00 21.12
C ALA D 150 -25.61 -6.16 22.64
N ILE D 151 -25.25 -5.08 23.35
CA ILE D 151 -25.08 -5.15 24.80
C ILE D 151 -26.44 -5.23 25.50
N GLU D 152 -27.40 -4.37 25.13
CA GLU D 152 -28.71 -4.44 25.80
C GLU D 152 -29.44 -5.74 25.49
N ALA D 153 -29.28 -6.28 24.28
CA ALA D 153 -29.92 -7.55 23.96
C ALA D 153 -29.31 -8.69 24.76
N ALA D 154 -27.99 -8.74 24.84
CA ALA D 154 -27.33 -9.71 25.71
C ALA D 154 -27.65 -9.48 27.18
N GLY D 155 -28.10 -8.28 27.53
CA GLY D 155 -28.34 -7.97 28.92
C GLY D 155 -27.10 -7.86 29.77
N ILE D 156 -26.04 -7.27 29.22
CA ILE D 156 -24.80 -7.03 29.97
C ILE D 156 -24.91 -5.67 30.64
N PRO D 157 -24.59 -5.54 31.92
CA PRO D 157 -24.58 -4.21 32.53
C PRO D 157 -23.42 -3.41 31.95
N TYR D 158 -23.62 -2.11 31.82
CA TYR D 158 -22.73 -1.28 31.02
C TYR D 158 -22.52 0.07 31.69
N THR D 159 -21.47 0.76 31.23
CA THR D 159 -21.28 2.18 31.45
C THR D 159 -20.71 2.77 30.16
N TYR D 160 -21.29 3.88 29.70
CA TYR D 160 -20.89 4.54 28.46
C TYR D 160 -20.18 5.85 28.82
N VAL D 161 -18.88 5.92 28.52
CA VAL D 161 -18.06 7.11 28.78
C VAL D 161 -17.96 7.94 27.51
N VAL D 162 -18.46 9.18 27.56
CA VAL D 162 -18.61 10.05 26.39
C VAL D 162 -18.34 11.49 26.82
N GLY D 163 -18.21 12.37 25.83
CA GLY D 163 -18.45 13.79 26.09
C GLY D 163 -17.34 14.78 25.85
N ALA D 164 -16.07 14.38 25.71
CA ALA D 164 -14.98 15.35 25.60
C ALA D 164 -14.09 15.05 24.41
N CYS D 165 -13.48 16.12 23.89
CA CYS D 165 -12.40 16.05 22.92
C CYS D 165 -11.10 15.66 23.60
N PHE D 166 -10.45 14.62 23.09
CA PHE D 166 -9.06 14.35 23.48
C PHE D 166 -8.24 15.62 23.33
N ALA D 167 -7.50 15.97 24.39
CA ALA D 167 -6.72 17.22 24.35
C ALA D 167 -5.67 17.24 23.24
N ALA D 168 -5.03 16.10 22.99
CA ALA D 168 -3.98 16.06 21.97
C ALA D 168 -4.50 16.37 20.58
N TYR D 169 -5.72 15.95 20.26
CA TYR D 169 -6.25 16.11 18.91
C TYR D 169 -6.97 17.42 18.67
N PHE D 170 -7.28 18.17 19.73
CA PHE D 170 -8.15 19.35 19.63
C PHE D 170 -7.65 20.56 20.40
N ALA D 171 -6.79 20.40 21.40
CA ALA D 171 -6.30 21.54 22.17
C ALA D 171 -4.86 21.94 21.82
N GLY D 172 -3.91 21.00 21.83
CA GLY D 172 -2.52 21.37 21.56
C GLY D 172 -2.28 21.95 20.17
N ASN D 173 -3.15 21.64 19.21
CA ASN D 173 -3.04 22.18 17.86
C ASN D 173 -3.98 23.37 17.64
N LEU D 174 -4.57 23.91 18.71
CA LEU D 174 -5.57 24.99 18.60
C LEU D 174 -6.66 24.59 17.62
N SER D 175 -6.93 23.28 17.53
CA SER D 175 -7.97 22.69 16.69
C SER D 175 -7.68 22.83 15.20
N GLN D 176 -6.45 23.14 14.85
CA GLN D 176 -6.06 23.10 13.45
C GLN D 176 -6.00 21.65 12.98
N MET D 177 -6.62 21.37 11.83
CA MET D 177 -6.63 20.01 11.31
C MET D 177 -5.26 19.59 10.77
N VAL D 178 -5.01 18.29 10.86
CA VAL D 178 -3.84 17.62 10.29
C VAL D 178 -2.55 18.23 10.83
N THR D 179 -2.59 18.69 12.07
CA THR D 179 -1.37 18.93 12.83
C THR D 179 -1.69 18.72 14.30
N LEU D 180 -0.64 18.56 15.09
CA LEU D 180 -0.79 18.25 16.50
C LEU D 180 -0.04 19.23 17.39
N LEU D 181 0.58 20.26 16.81
CA LEU D 181 1.23 21.36 17.50
C LEU D 181 0.51 22.66 17.20
N PRO D 182 0.70 23.68 18.03
CA PRO D 182 0.06 24.98 17.76
C PRO D 182 0.71 25.68 16.58
N PRO D 183 -0.08 26.35 15.74
CA PRO D 183 0.50 27.07 14.60
C PRO D 183 1.40 28.21 15.04
N LYS D 184 2.32 28.59 14.15
CA LYS D 184 3.32 29.59 14.52
C LYS D 184 2.86 31.03 14.28
N GLU D 185 2.02 31.28 13.28
CA GLU D 185 1.65 32.67 13.01
C GLU D 185 0.17 32.86 12.74
N LYS D 186 -0.45 31.97 11.98
CA LYS D 186 -1.85 32.10 11.58
C LYS D 186 -2.66 30.92 12.08
N VAL D 187 -3.94 31.16 12.33
CA VAL D 187 -4.82 30.11 12.82
C VAL D 187 -6.17 30.26 12.13
N ASN D 188 -6.80 29.13 11.83
CA ASN D 188 -8.14 29.15 11.26
C ASN D 188 -9.15 29.01 12.38
N ILE D 189 -10.16 29.89 12.38
CA ILE D 189 -11.23 29.88 13.36
C ILE D 189 -12.51 29.40 12.70
N TYR D 190 -13.15 28.41 13.31
CA TYR D 190 -14.34 27.77 12.75
C TYR D 190 -15.56 28.65 13.03
N GLY D 191 -16.04 29.31 11.97
CA GLY D 191 -17.12 30.27 12.13
C GLY D 191 -16.61 31.50 12.88
N ASP D 192 -17.46 32.00 13.77
CA ASP D 192 -17.03 33.07 14.64
C ASP D 192 -16.08 32.55 15.72
N GLY D 193 -16.16 31.26 16.04
CA GLY D 193 -15.32 30.70 17.08
C GLY D 193 -15.88 30.91 18.46
N ASN D 194 -17.21 31.00 18.56
CA ASN D 194 -17.89 31.21 19.83
C ASN D 194 -18.77 30.03 20.20
N VAL D 195 -18.39 28.84 19.75
CA VAL D 195 -19.15 27.61 20.04
C VAL D 195 -18.38 26.83 21.11
N LYS D 196 -19.09 26.49 22.18
CA LYS D 196 -18.46 25.82 23.31
C LYS D 196 -18.08 24.39 22.97
N VAL D 197 -16.87 24.02 23.36
CA VAL D 197 -16.34 22.67 23.14
C VAL D 197 -15.76 22.14 24.45
N VAL D 198 -15.83 20.82 24.62
CA VAL D 198 -15.35 20.17 25.82
C VAL D 198 -13.97 19.58 25.57
N PHE D 199 -12.98 20.03 26.34
CA PHE D 199 -11.60 19.56 26.24
C PHE D 199 -11.21 18.77 27.49
N ALA D 200 -10.56 17.62 27.30
CA ALA D 200 -10.07 16.85 28.43
C ALA D 200 -8.74 16.18 28.10
N ASP D 201 -7.75 16.41 28.97
CA ASP D 201 -6.49 15.65 28.98
C ASP D 201 -6.79 14.16 29.02
N GLU D 202 -6.11 13.38 28.15
CA GLU D 202 -6.46 11.98 28.01
C GLU D 202 -6.13 11.18 29.26
N ASP D 203 -5.18 11.65 30.06
CA ASP D 203 -4.91 10.98 31.32
C ASP D 203 -6.08 11.16 32.28
N ASP D 204 -6.76 12.31 32.22
CA ASP D 204 -7.96 12.47 33.05
C ASP D 204 -9.09 11.57 32.57
N ILE D 205 -9.28 11.46 31.27
CA ILE D 205 -10.29 10.54 30.77
C ILE D 205 -10.04 9.13 31.29
N ALA D 206 -8.77 8.72 31.36
CA ALA D 206 -8.46 7.38 31.84
C ALA D 206 -8.67 7.26 33.35
N LYS D 207 -8.29 8.30 34.09
CA LYS D 207 -8.56 8.32 35.52
C LYS D 207 -10.05 8.20 35.83
N TYR D 208 -10.88 8.99 35.12
CA TYR D 208 -12.33 8.91 35.33
C TYR D 208 -12.87 7.54 34.95
N THR D 209 -12.34 6.95 33.87
CA THR D 209 -12.75 5.61 33.48
C THR D 209 -12.42 4.61 34.57
N ALA D 210 -11.25 4.73 35.19
CA ALA D 210 -10.89 3.78 36.23
C ALA D 210 -11.71 4.02 37.50
N LYS D 211 -12.11 5.25 37.77
CA LYS D 211 -12.95 5.51 38.94
C LYS D 211 -14.40 5.09 38.70
N THR D 212 -14.91 5.20 37.48
CA THR D 212 -16.32 4.94 37.24
C THR D 212 -16.62 3.46 37.02
N LEU D 213 -15.64 2.64 36.65
CA LEU D 213 -16.00 1.31 36.17
C LEU D 213 -16.61 0.42 37.25
N ASN D 214 -16.47 0.79 38.53
CA ASN D 214 -17.15 0.04 39.58
C ASN D 214 -17.87 1.00 40.54
N ASP D 215 -18.22 2.17 40.04
CA ASP D 215 -19.07 3.06 40.79
C ASP D 215 -20.52 2.63 40.60
N PRO D 216 -21.25 2.28 41.67
CA PRO D 216 -22.68 2.00 41.51
C PRO D 216 -23.44 3.16 40.90
N ARG D 217 -23.05 4.39 41.19
CA ARG D 217 -23.78 5.55 40.68
C ARG D 217 -23.85 5.59 39.15
N THR D 218 -22.96 4.86 38.45
CA THR D 218 -22.91 4.89 37.00
C THR D 218 -23.23 3.54 36.37
N LEU D 219 -23.70 2.58 37.14
CA LEU D 219 -24.08 1.28 36.59
C LEU D 219 -25.27 1.45 35.63
N ASN D 220 -25.12 0.94 34.41
CA ASN D 220 -26.15 1.06 33.38
C ASN D 220 -26.43 2.52 33.03
N LYS D 221 -25.39 3.34 33.01
CA LYS D 221 -25.55 4.78 32.80
C LYS D 221 -24.54 5.28 31.78
N THR D 222 -24.90 6.38 31.13
CA THR D 222 -23.95 7.18 30.38
C THR D 222 -23.29 8.17 31.33
N VAL D 223 -21.95 8.18 31.37
CA VAL D 223 -21.18 9.13 32.15
C VAL D 223 -20.52 10.13 31.21
N ASN D 224 -20.71 11.42 31.48
CA ASN D 224 -20.18 12.49 30.64
C ASN D 224 -18.91 13.06 31.25
N ILE D 225 -17.87 13.23 30.41
CA ILE D 225 -16.64 13.92 30.80
C ILE D 225 -16.81 15.35 30.31
N ARG D 226 -17.28 16.23 31.19
CA ARG D 226 -17.43 17.64 30.85
C ARG D 226 -16.93 18.50 32.01
N PRO D 227 -15.62 18.53 32.23
CA PRO D 227 -15.07 19.39 33.30
C PRO D 227 -15.39 20.85 33.06
N PRO D 228 -16.02 21.52 34.05
CA PRO D 228 -16.55 22.87 33.80
C PRO D 228 -15.52 23.87 33.30
N ASP D 229 -14.32 23.93 33.91
CA ASP D 229 -13.34 24.91 33.45
C ASP D 229 -12.75 24.56 32.09
N ASN D 230 -13.00 23.35 31.59
CA ASN D 230 -12.49 22.94 30.29
C ASN D 230 -13.55 23.00 29.22
N VAL D 231 -14.61 23.77 29.45
CA VAL D 231 -15.65 24.02 28.47
C VAL D 231 -15.34 25.38 27.86
N LEU D 232 -14.78 25.37 26.65
CA LEU D 232 -14.13 26.53 26.06
C LEU D 232 -14.59 26.71 24.62
N THR D 233 -14.70 27.96 24.18
CA THR D 233 -14.86 28.18 22.76
C THR D 233 -13.49 28.05 22.09
N GLN D 234 -13.51 27.88 20.77
CA GLN D 234 -12.24 27.84 20.07
C GLN D 234 -11.46 29.11 20.31
N LEU D 235 -12.14 30.26 20.32
CA LEU D 235 -11.47 31.54 20.53
C LEU D 235 -10.87 31.59 21.93
N GLU D 236 -11.63 31.17 22.93
CA GLU D 236 -11.10 31.13 24.29
C GLU D 236 -9.90 30.21 24.38
N LEU D 237 -9.91 29.11 23.62
CA LEU D 237 -8.76 28.23 23.56
C LEU D 237 -7.55 28.96 22.97
N VAL D 238 -7.75 29.61 21.82
CA VAL D 238 -6.66 30.32 21.16
C VAL D 238 -6.13 31.45 22.03
N GLN D 239 -7.03 32.13 22.74
CA GLN D 239 -6.60 33.24 23.58
C GLN D 239 -5.81 32.76 24.79
N ILE D 240 -6.03 31.53 25.25
CA ILE D 240 -5.15 30.96 26.27
C ILE D 240 -3.72 30.89 25.74
N TRP D 241 -3.55 30.40 24.51
CA TRP D 241 -2.22 30.25 23.94
C TRP D 241 -1.57 31.60 23.68
N GLU D 242 -2.32 32.57 23.18
CA GLU D 242 -1.74 33.89 22.96
C GLU D 242 -1.31 34.53 24.27
N LYS D 243 -2.02 34.22 25.36
CA LYS D 243 -1.60 34.69 26.68
C LYS D 243 -0.27 34.06 27.10
N LEU D 244 -0.07 32.78 26.81
CA LEU D 244 1.14 32.09 27.26
C LEU D 244 2.35 32.50 26.44
N THR D 245 2.16 32.79 25.15
CA THR D 245 3.26 33.18 24.29
C THR D 245 3.51 34.68 24.28
N GLY D 246 2.49 35.47 24.60
CA GLY D 246 2.57 36.92 24.49
C GLY D 246 2.48 37.45 23.08
N LYS D 247 2.25 36.60 22.08
CA LYS D 247 2.18 37.01 20.69
C LYS D 247 0.82 36.63 20.12
N GLU D 248 0.26 37.51 19.31
CA GLU D 248 -1.09 37.33 18.80
C GLU D 248 -1.05 36.66 17.43
N LEU D 249 -1.97 35.73 17.22
CA LEU D 249 -2.05 34.98 15.97
C LEU D 249 -3.01 35.65 14.99
N GLU D 250 -2.66 35.63 13.71
CA GLU D 250 -3.55 36.15 12.68
C GLU D 250 -4.72 35.19 12.51
N LYS D 251 -5.92 35.69 12.76
CA LYS D 251 -7.10 34.86 12.77
C LYS D 251 -7.87 35.03 11.47
N THR D 252 -8.18 33.90 10.83
CA THR D 252 -8.97 33.86 9.61
C THR D 252 -10.21 33.03 9.89
N ASN D 253 -11.37 33.67 9.86
CA ASN D 253 -12.62 32.98 10.14
C ASN D 253 -13.09 32.24 8.89
N ILE D 254 -13.64 31.04 9.09
CA ILE D 254 -14.00 30.13 8.00
C ILE D 254 -15.48 29.79 8.14
N ALA D 255 -16.30 30.27 7.21
CA ALA D 255 -17.73 30.00 7.25
C ALA D 255 -18.02 28.53 7.00
N ALA D 256 -19.11 28.04 7.58
CA ALA D 256 -19.50 26.64 7.42
C ALA D 256 -19.37 26.17 5.97
N GLN D 257 -19.98 26.91 5.05
CA GLN D 257 -20.06 26.49 3.66
C GLN D 257 -18.67 26.38 3.04
N ASP D 258 -17.74 27.25 3.43
CA ASP D 258 -16.37 27.14 2.95
C ASP D 258 -15.61 25.99 3.62
N PHE D 259 -15.91 25.68 4.88
CA PHE D 259 -15.27 24.55 5.53
C PHE D 259 -15.62 23.24 4.84
N LEU D 260 -16.89 23.06 4.47
CA LEU D 260 -17.40 21.83 3.85
C LEU D 260 -17.26 21.82 2.34
N ALA D 261 -16.69 22.85 1.74
CA ALA D 261 -16.63 22.90 0.28
C ALA D 261 -15.80 21.74 -0.28
N ASN D 262 -16.39 21.02 -1.24
CA ASN D 262 -15.70 19.97 -2.00
C ASN D 262 -15.31 18.80 -1.12
N ILE D 263 -16.04 18.62 0.00
CA ILE D 263 -15.68 17.56 0.93
C ILE D 263 -15.85 16.20 0.29
N GLU D 264 -16.81 16.05 -0.63
CA GLU D 264 -17.01 14.76 -1.29
C GLU D 264 -15.79 14.33 -2.12
N GLN D 265 -14.89 15.26 -2.45
CA GLN D 265 -13.75 14.94 -3.29
C GLN D 265 -12.52 14.57 -2.48
N MET D 266 -12.61 14.60 -1.16
CA MET D 266 -11.45 14.34 -0.32
C MET D 266 -11.33 12.87 0.03
N GLU D 267 -10.15 12.49 0.50
CA GLU D 267 -9.98 11.13 0.97
C GLU D 267 -10.94 10.86 2.11
N ILE D 268 -11.38 9.60 2.20
CA ILE D 268 -12.41 9.24 3.15
C ILE D 268 -12.01 9.60 4.59
N PRO D 269 -10.84 9.19 5.09
CA PRO D 269 -10.44 9.60 6.45
C PRO D 269 -10.55 11.09 6.69
N HIS D 270 -10.11 11.91 5.73
CA HIS D 270 -10.24 13.35 5.88
C HIS D 270 -11.71 13.79 5.88
N GLN D 271 -12.55 13.14 5.07
CA GLN D 271 -13.98 13.47 5.09
C GLN D 271 -14.57 13.26 6.48
N ALA D 272 -14.30 12.09 7.08
CA ALA D 272 -14.75 11.84 8.45
C ALA D 272 -14.21 12.91 9.40
N GLY D 273 -12.93 13.24 9.28
CA GLY D 273 -12.36 14.27 10.13
C GLY D 273 -13.11 15.60 10.03
N ILE D 274 -13.45 16.02 8.80
CA ILE D 274 -14.17 17.26 8.62
C ILE D 274 -15.58 17.17 9.18
N GLY D 275 -16.25 16.04 8.96
CA GLY D 275 -17.59 15.87 9.50
C GLY D 275 -17.60 16.00 11.02
N HIS D 276 -16.68 15.31 11.68
CA HIS D 276 -16.60 15.43 13.13
C HIS D 276 -16.29 16.85 13.57
N PHE D 277 -15.31 17.48 12.93
CA PHE D 277 -15.01 18.87 13.29
C PHE D 277 -16.24 19.76 13.13
N TYR D 278 -17.02 19.55 12.07
CA TYR D 278 -18.21 20.36 11.82
C TYR D 278 -19.21 20.24 12.97
N HIS D 279 -19.52 18.99 13.35
CA HIS D 279 -20.43 18.77 14.47
C HIS D 279 -19.88 19.40 15.75
N ILE D 280 -18.58 19.23 16.00
CA ILE D 280 -17.99 19.73 17.24
C ILE D 280 -17.94 21.26 17.23
N PHE D 281 -17.36 21.85 16.19
CA PHE D 281 -17.04 23.26 16.21
C PHE D 281 -18.08 24.15 15.54
N TYR D 282 -18.89 23.62 14.63
CA TYR D 282 -19.98 24.42 14.07
C TYR D 282 -21.32 24.14 14.75
N GLU D 283 -21.69 22.88 14.91
CA GLU D 283 -22.95 22.52 15.54
C GLU D 283 -22.89 22.48 17.07
N GLY D 284 -21.72 22.26 17.66
CA GLY D 284 -21.56 22.25 19.11
C GLY D 284 -22.16 21.04 19.81
N CYS D 285 -22.03 19.86 19.22
CA CYS D 285 -22.74 18.69 19.73
C CYS D 285 -22.36 18.32 21.15
N LEU D 286 -21.22 18.82 21.65
CA LEU D 286 -20.77 18.50 23.00
C LEU D 286 -21.30 19.45 24.06
N THR D 287 -21.86 20.60 23.66
CA THR D 287 -22.36 21.57 24.63
C THR D 287 -23.80 22.01 24.33
N ASP D 288 -24.46 21.44 23.32
CA ASP D 288 -25.81 21.86 22.93
C ASP D 288 -26.90 21.20 23.78
N HIS D 289 -26.54 20.57 24.89
CA HIS D 289 -27.48 19.88 25.76
C HIS D 289 -26.85 19.78 27.15
N GLU D 290 -27.68 19.84 28.18
CA GLU D 290 -27.17 19.83 29.54
C GLU D 290 -27.28 18.44 30.15
N VAL D 291 -26.41 18.17 31.12
CA VAL D 291 -26.43 16.94 31.89
C VAL D 291 -26.19 17.28 33.35
N GLY D 292 -26.72 16.43 34.24
CA GLY D 292 -26.66 16.70 35.66
C GLY D 292 -25.30 16.39 36.25
N GLU D 293 -25.05 16.96 37.42
CA GLU D 293 -23.82 16.62 38.14
C GLU D 293 -23.77 15.15 38.52
N ASP D 294 -24.92 14.47 38.58
CA ASP D 294 -24.96 13.05 38.87
C ASP D 294 -24.55 12.18 37.68
N GLU D 295 -24.30 12.78 36.52
CA GLU D 295 -23.88 12.05 35.34
C GLU D 295 -22.69 12.71 34.67
N GLU D 296 -21.92 13.52 35.40
CA GLU D 296 -20.78 14.25 34.85
C GLU D 296 -19.56 13.95 35.72
N ALA D 297 -18.57 13.27 35.12
CA ALA D 297 -17.48 12.66 35.89
C ALA D 297 -16.79 13.63 36.85
N SER D 298 -16.64 14.89 36.48
CA SER D 298 -15.85 15.79 37.32
C SER D 298 -16.58 16.13 38.62
N SER D 299 -17.90 16.04 38.59
CA SER D 299 -18.69 16.20 39.80
C SER D 299 -18.77 14.88 40.57
N LEU D 300 -18.82 13.74 39.86
CA LEU D 300 -18.85 12.45 40.55
C LEU D 300 -17.52 12.13 41.24
N TYR D 301 -16.40 12.60 40.68
CA TYR D 301 -15.07 12.26 41.17
C TYR D 301 -14.30 13.56 41.36
N PRO D 302 -14.73 14.37 42.34
CA PRO D 302 -14.11 15.70 42.52
C PRO D 302 -12.68 15.65 43.01
N ASP D 303 -12.24 14.52 43.58
CA ASP D 303 -10.84 14.36 43.96
C ASP D 303 -9.90 14.42 42.77
N VAL D 304 -10.43 14.21 41.56
CA VAL D 304 -9.64 14.26 40.31
C VAL D 304 -9.42 15.71 39.98
N LYS D 305 -8.20 16.21 40.25
CA LYS D 305 -7.83 17.57 39.90
C LYS D 305 -7.50 17.58 38.42
N TYR D 306 -8.54 17.78 37.60
CA TYR D 306 -8.37 17.62 36.16
C TYR D 306 -7.51 18.73 35.59
N LYS D 307 -6.69 18.39 34.60
CA LYS D 307 -5.76 19.34 34.01
C LYS D 307 -6.53 20.38 33.19
N ARG D 308 -6.33 21.65 33.53
CA ARG D 308 -6.89 22.75 32.78
C ARG D 308 -6.11 22.95 31.49
N MET D 309 -6.77 23.57 30.50
CA MET D 309 -6.14 23.71 29.20
C MET D 309 -4.98 24.69 29.20
N ASP D 310 -4.94 25.65 30.12
CA ASP D 310 -3.75 26.50 30.19
C ASP D 310 -2.53 25.73 30.70
N ASP D 311 -2.73 24.81 31.63
CA ASP D 311 -1.63 23.92 32.03
C ASP D 311 -1.31 22.91 30.94
N TYR D 312 -2.31 22.46 30.18
CA TYR D 312 -2.05 21.54 29.06
C TYR D 312 -1.20 22.20 27.98
N LEU D 313 -1.52 23.45 27.62
CA LEU D 313 -0.78 24.10 26.52
C LEU D 313 0.63 24.52 26.91
N ARG D 314 0.90 24.73 28.20
CA ARG D 314 2.23 25.17 28.59
C ARG D 314 3.29 24.15 28.15
N MET D 315 2.91 22.88 28.00
CA MET D 315 3.86 21.87 27.59
C MET D 315 4.42 22.11 26.19
N PHE D 316 3.77 22.98 25.40
CA PHE D 316 4.17 23.23 24.03
C PHE D 316 5.07 24.44 23.85
N LEU D 317 5.31 25.22 24.91
CA LEU D 317 6.09 26.46 24.83
C LEU D 317 7.58 26.25 24.57
#